data_2HOW
#
_entry.id   2HOW
#
_cell.length_a   57.911
_cell.length_b   88.820
_cell.length_c   147.562
_cell.angle_alpha   90.00
_cell.angle_beta   90.00
_cell.angle_gamma   90.00
#
_symmetry.space_group_name_H-M   'P 21 21 21'
#
loop_
_entity.id
_entity.type
_entity.pdbx_description
1 polymer '356aa long hypothetical dipeptidase'
2 water water
#
_entity_poly.entity_id   1
_entity_poly.type   'polypeptide(L)'
_entity_poly.pdbx_seq_one_letter_code
;MRLEKFIHLLGERGFDGALISPGTNLYYLTGLRLHEVGERLAILAVSAEGDYRFLAPSLYENVVNNFPATFWHDGENPYA
KLREILEELGISKGRILIEDTMRADWLIGIMKLGKFTFQPLSSLIKELRMIKDKEEVKMMEHASRIADKVFEEILTWDLI
GMKERELALKIELLIRELSDGIAFEPIVASGENAANPHHEPGERKIRKGDIIILDYGARWKGYCSDITRTIGLGELDERL
VKIYEVVKDAQESAFKAVREGIKAKDVDSRAREVISKAGYGEYFIHRTGHGLGLDVHEEPYIGPDGEVILKNGMTFTIEP
GIYVPGLGGVRIEDDIVVDEGKGRRLTKAERELIIL
;
_entity_poly.pdbx_strand_id   A,B
#
# COMPACT_ATOMS: atom_id res chain seq x y z
N MET A 1 1.86 -0.22 -28.28
CA MET A 1 0.72 0.53 -28.89
C MET A 1 0.04 1.46 -27.88
N ARG A 2 -0.16 0.95 -26.67
CA ARG A 2 -0.81 1.70 -25.60
C ARG A 2 -0.25 3.09 -25.34
N LEU A 3 1.05 3.18 -25.13
CA LEU A 3 1.66 4.46 -24.85
C LEU A 3 1.34 5.44 -26.00
N GLU A 4 1.47 4.95 -27.23
CA GLU A 4 1.20 5.74 -28.43
C GLU A 4 -0.24 6.22 -28.49
N LYS A 5 -1.19 5.34 -28.17
CA LYS A 5 -2.60 5.74 -28.17
C LYS A 5 -2.74 6.85 -27.13
N PHE A 6 -2.19 6.59 -25.94
CA PHE A 6 -2.21 7.55 -24.86
C PHE A 6 -1.71 8.92 -25.30
N ILE A 7 -0.58 8.95 -26.00
CA ILE A 7 0.01 10.19 -26.48
C ILE A 7 -0.94 10.89 -27.45
N HIS A 8 -1.58 10.12 -28.31
CA HIS A 8 -2.52 10.67 -29.26
C HIS A 8 -3.65 11.30 -28.48
N LEU A 9 -4.26 10.51 -27.59
CA LEU A 9 -5.36 10.97 -26.76
C LEU A 9 -4.97 12.25 -25.98
N LEU A 10 -3.78 12.26 -25.43
CA LEU A 10 -3.31 13.42 -24.68
C LEU A 10 -3.55 14.69 -25.48
N GLY A 11 -2.99 14.74 -26.69
CA GLY A 11 -3.11 15.91 -27.55
C GLY A 11 -4.53 16.27 -27.93
N GLU A 12 -5.31 15.27 -28.31
CA GLU A 12 -6.69 15.50 -28.71
C GLU A 12 -7.51 16.18 -27.60
N ARG A 13 -7.26 15.78 -26.36
CA ARG A 13 -8.00 16.30 -25.22
C ARG A 13 -7.54 17.65 -24.65
N GLY A 14 -6.46 18.21 -25.19
CA GLY A 14 -6.01 19.51 -24.73
C GLY A 14 -4.76 19.60 -23.87
N PHE A 15 -4.31 18.46 -23.35
CA PHE A 15 -3.13 18.41 -22.49
C PHE A 15 -1.77 18.49 -23.18
N ASP A 16 -0.81 19.11 -22.50
CA ASP A 16 0.53 19.27 -23.04
C ASP A 16 1.43 18.09 -22.70
N GLY A 17 1.09 17.38 -21.62
CA GLY A 17 1.88 16.24 -21.20
C GLY A 17 1.29 15.56 -19.99
N ALA A 18 2.04 14.63 -19.40
CA ALA A 18 1.60 13.88 -18.22
C ALA A 18 2.79 13.41 -17.41
N LEU A 19 2.61 13.31 -16.10
CA LEU A 19 3.64 12.85 -15.18
C LEU A 19 3.04 11.65 -14.47
N ILE A 20 3.64 10.49 -14.66
CA ILE A 20 3.09 9.26 -14.09
C ILE A 20 4.00 8.53 -13.16
N SER A 21 3.61 8.48 -11.89
CA SER A 21 4.38 7.78 -10.86
C SER A 21 3.99 6.32 -10.96
N PRO A 22 4.76 5.41 -10.32
CA PRO A 22 4.56 3.95 -10.31
C PRO A 22 3.15 3.53 -9.90
N GLY A 23 2.70 2.42 -10.47
CA GLY A 23 1.36 1.92 -10.18
C GLY A 23 0.77 1.21 -11.38
N THR A 24 -0.53 0.92 -11.29
CA THR A 24 -1.21 0.23 -12.37
C THR A 24 -1.14 0.97 -13.68
N ASN A 25 -1.30 2.30 -13.62
CA ASN A 25 -1.28 3.10 -14.83
C ASN A 25 0.07 3.08 -15.52
N LEU A 26 1.14 3.14 -14.73
CA LEU A 26 2.48 3.09 -15.31
C LEU A 26 2.67 1.72 -15.98
N TYR A 27 2.24 0.67 -15.28
CA TYR A 27 2.35 -0.68 -15.79
C TYR A 27 1.60 -0.86 -17.09
N TYR A 28 0.35 -0.37 -17.10
CA TYR A 28 -0.52 -0.45 -18.27
C TYR A 28 0.12 0.12 -19.51
N LEU A 29 0.74 1.27 -19.34
CA LEU A 29 1.37 1.98 -20.42
C LEU A 29 2.73 1.46 -20.82
N THR A 30 3.52 1.00 -19.85
CA THR A 30 4.88 0.60 -20.17
C THR A 30 5.41 -0.73 -19.69
N GLY A 31 4.62 -1.46 -18.92
CA GLY A 31 5.07 -2.75 -18.40
C GLY A 31 6.05 -2.59 -17.25
N LEU A 32 6.31 -1.35 -16.85
CA LEU A 32 7.21 -1.07 -15.74
C LEU A 32 6.54 -1.29 -14.40
N ARG A 33 7.26 -1.97 -13.51
CA ARG A 33 6.80 -2.26 -12.16
C ARG A 33 8.00 -2.01 -11.26
N LEU A 34 7.85 -1.08 -10.31
CA LEU A 34 8.94 -0.80 -9.38
C LEU A 34 8.52 -1.20 -7.97
N HIS A 35 9.25 -2.14 -7.36
CA HIS A 35 8.91 -2.59 -6.01
C HIS A 35 9.23 -1.58 -4.90
N GLU A 36 8.24 -1.35 -4.02
CA GLU A 36 8.35 -0.44 -2.88
C GLU A 36 9.22 0.76 -3.14
N VAL A 37 8.77 1.64 -4.01
CA VAL A 37 9.51 2.83 -4.34
C VAL A 37 9.56 3.78 -3.14
N GLY A 38 8.46 3.83 -2.40
CA GLY A 38 8.39 4.69 -1.23
C GLY A 38 8.55 6.16 -1.56
N GLU A 39 9.44 6.83 -0.83
CA GLU A 39 9.69 8.25 -1.02
C GLU A 39 10.47 8.64 -2.28
N ARG A 40 11.24 7.70 -2.84
CA ARG A 40 12.08 7.98 -4.02
C ARG A 40 11.36 8.33 -5.30
N LEU A 41 11.56 9.56 -5.75
CA LEU A 41 10.92 10.06 -6.96
C LEU A 41 11.13 9.14 -8.14
N ALA A 42 10.03 8.68 -8.74
CA ALA A 42 10.06 7.81 -9.92
C ALA A 42 8.94 8.31 -10.83
N ILE A 43 9.31 8.93 -11.94
CA ILE A 43 8.33 9.50 -12.84
C ILE A 43 8.55 9.30 -14.33
N LEU A 44 7.46 9.01 -15.04
CA LEU A 44 7.46 8.86 -16.48
C LEU A 44 6.85 10.18 -16.97
N ALA A 45 7.66 10.96 -17.66
CA ALA A 45 7.21 12.23 -18.18
C ALA A 45 6.80 12.00 -19.63
N VAL A 46 5.64 12.51 -20.02
CA VAL A 46 5.21 12.32 -21.40
C VAL A 46 4.67 13.61 -21.97
N SER A 47 5.10 13.95 -23.17
CA SER A 47 4.61 15.16 -23.84
C SER A 47 3.60 14.76 -24.89
N ALA A 48 2.75 15.70 -25.28
CA ALA A 48 1.75 15.42 -26.30
C ALA A 48 2.40 15.29 -27.67
N GLU A 49 3.68 15.65 -27.75
CA GLU A 49 4.43 15.57 -29.01
C GLU A 49 4.92 14.18 -29.38
N GLY A 50 5.08 13.31 -28.39
CA GLY A 50 5.53 11.96 -28.69
C GLY A 50 6.75 11.56 -27.91
N ASP A 51 7.44 12.55 -27.36
CA ASP A 51 8.64 12.34 -26.57
C ASP A 51 8.24 11.82 -25.18
N TYR A 52 9.14 11.09 -24.53
CA TYR A 52 8.87 10.59 -23.19
C TYR A 52 10.13 10.06 -22.54
N ARG A 53 10.24 10.25 -21.22
CA ARG A 53 11.41 9.83 -20.44
C ARG A 53 11.00 9.37 -19.07
N PHE A 54 11.72 8.38 -18.55
CA PHE A 54 11.42 7.84 -17.23
C PHE A 54 12.52 8.12 -16.22
N LEU A 55 12.21 8.92 -15.20
CA LEU A 55 13.18 9.22 -14.16
C LEU A 55 12.97 8.23 -13.02
N ALA A 56 14.01 7.49 -12.67
CA ALA A 56 13.93 6.50 -11.60
C ALA A 56 15.22 6.48 -10.79
N PRO A 57 15.14 6.02 -9.54
CA PRO A 57 16.37 5.97 -8.75
C PRO A 57 17.25 4.83 -9.28
N SER A 58 18.56 5.03 -9.26
CA SER A 58 19.53 4.05 -9.75
C SER A 58 19.26 2.60 -9.35
N LEU A 59 18.70 2.39 -8.16
CA LEU A 59 18.39 1.07 -7.63
C LEU A 59 17.62 0.14 -8.59
N TYR A 60 16.80 0.74 -9.44
CA TYR A 60 15.95 0.04 -10.39
C TYR A 60 16.54 -0.13 -11.77
N GLU A 61 17.80 0.30 -11.93
CA GLU A 61 18.48 0.25 -13.22
C GLU A 61 18.26 -1.01 -14.06
N ASN A 62 18.36 -2.18 -13.46
CA ASN A 62 18.17 -3.42 -14.20
C ASN A 62 16.70 -3.81 -14.34
N VAL A 63 15.86 -3.29 -13.46
CA VAL A 63 14.44 -3.59 -13.50
C VAL A 63 13.75 -2.78 -14.62
N VAL A 64 14.43 -1.78 -15.17
CA VAL A 64 13.85 -0.96 -16.22
C VAL A 64 14.26 -1.34 -17.63
N ASN A 65 14.78 -2.55 -17.81
CA ASN A 65 15.21 -3.03 -19.13
C ASN A 65 15.86 -1.97 -20.02
N ASN A 66 15.28 -1.76 -21.19
CA ASN A 66 15.83 -0.79 -22.13
C ASN A 66 14.95 0.44 -22.25
N PHE A 67 14.10 0.66 -21.25
CA PHE A 67 13.20 1.79 -21.30
C PHE A 67 13.97 3.11 -21.25
N PRO A 68 13.57 4.08 -22.09
CA PRO A 68 14.24 5.40 -22.12
C PRO A 68 14.22 5.99 -20.71
N ALA A 69 15.31 5.83 -19.98
CA ALA A 69 15.37 6.33 -18.61
C ALA A 69 16.63 7.08 -18.21
N THR A 70 16.46 7.91 -17.19
CA THR A 70 17.53 8.70 -16.58
C THR A 70 17.53 8.23 -15.12
N PHE A 71 18.69 7.87 -14.59
CA PHE A 71 18.75 7.41 -13.22
C PHE A 71 19.40 8.42 -12.29
N TRP A 72 18.87 8.52 -11.08
CA TRP A 72 19.44 9.44 -10.11
C TRP A 72 19.94 8.63 -8.90
N HIS A 73 20.99 9.14 -8.27
CA HIS A 73 21.59 8.45 -7.14
C HIS A 73 21.29 9.13 -5.80
N ASP A 74 21.05 8.32 -4.78
CA ASP A 74 20.77 8.86 -3.46
C ASP A 74 21.85 9.89 -3.14
N GLY A 75 21.43 11.14 -2.98
CA GLY A 75 22.39 12.20 -2.69
C GLY A 75 22.23 13.37 -3.64
N GLU A 76 21.41 13.19 -4.67
CA GLU A 76 21.16 14.25 -5.66
C GLU A 76 19.73 14.76 -5.49
N ASN A 77 19.39 15.85 -6.18
CA ASN A 77 18.03 16.37 -6.11
C ASN A 77 17.34 15.85 -7.37
N PRO A 78 16.53 14.79 -7.24
CA PRO A 78 15.84 14.23 -8.39
C PRO A 78 14.90 15.23 -9.03
N TYR A 79 14.45 16.19 -8.25
CA TYR A 79 13.56 17.20 -8.78
C TYR A 79 14.30 18.07 -9.76
N ALA A 80 15.59 18.24 -9.53
CA ALA A 80 16.41 19.06 -10.41
C ALA A 80 16.57 18.33 -11.73
N LYS A 81 16.72 17.01 -11.70
CA LYS A 81 16.87 16.25 -12.93
C LYS A 81 15.55 16.28 -13.71
N LEU A 82 14.44 16.13 -13.00
CA LEU A 82 13.14 16.16 -13.65
C LEU A 82 12.99 17.47 -14.41
N ARG A 83 13.54 18.55 -13.84
CA ARG A 83 13.46 19.85 -14.48
C ARG A 83 14.08 19.77 -15.86
N GLU A 84 15.33 19.32 -15.93
CA GLU A 84 16.03 19.17 -17.19
C GLU A 84 15.20 18.38 -18.18
N ILE A 85 14.61 17.29 -17.71
CA ILE A 85 13.78 16.40 -18.51
C ILE A 85 12.56 17.12 -19.07
N LEU A 86 11.88 17.89 -18.22
CA LEU A 86 10.71 18.61 -18.66
C LEU A 86 11.11 19.65 -19.70
N GLU A 87 12.25 20.29 -19.47
CA GLU A 87 12.75 21.30 -20.37
C GLU A 87 12.98 20.77 -21.78
N GLU A 88 13.63 19.60 -21.87
CA GLU A 88 13.91 19.01 -23.16
C GLU A 88 12.68 18.41 -23.85
N LEU A 89 11.67 18.02 -23.08
CA LEU A 89 10.45 17.45 -23.63
C LEU A 89 9.46 18.56 -23.94
N GLY A 90 9.82 19.78 -23.54
CA GLY A 90 8.97 20.93 -23.79
C GLY A 90 7.79 21.08 -22.86
N ILE A 91 7.82 20.41 -21.71
CA ILE A 91 6.71 20.51 -20.78
C ILE A 91 7.08 21.05 -19.40
N SER A 92 7.68 22.23 -19.38
CA SER A 92 8.05 22.86 -18.13
C SER A 92 7.01 23.91 -17.76
N LYS A 93 5.79 23.74 -18.28
CA LYS A 93 4.63 24.63 -18.03
C LYS A 93 3.52 24.06 -18.91
N GLY A 94 2.29 24.42 -18.62
CA GLY A 94 1.18 23.95 -19.41
C GLY A 94 0.22 23.09 -18.63
N ARG A 95 -0.71 22.44 -19.34
CA ARG A 95 -1.68 21.57 -18.72
C ARG A 95 -1.13 20.14 -18.68
N ILE A 96 -0.94 19.62 -17.46
CA ILE A 96 -0.37 18.30 -17.23
C ILE A 96 -1.31 17.36 -16.44
N LEU A 97 -1.29 16.08 -16.80
CA LEU A 97 -2.09 15.09 -16.10
C LEU A 97 -1.17 14.48 -15.02
N ILE A 98 -1.75 14.18 -13.85
CA ILE A 98 -1.00 13.62 -12.72
C ILE A 98 -1.59 12.30 -12.24
N GLU A 99 -0.73 11.29 -12.06
CA GLU A 99 -1.14 9.98 -11.57
C GLU A 99 -1.92 10.28 -10.29
N ASP A 100 -3.17 9.83 -10.23
CA ASP A 100 -4.04 10.11 -9.09
C ASP A 100 -3.42 9.74 -7.75
N THR A 101 -2.76 8.58 -7.70
CA THR A 101 -2.14 8.06 -6.48
C THR A 101 -0.75 8.62 -6.15
N MET A 102 -0.30 9.59 -6.93
CA MET A 102 1.03 10.17 -6.67
C MET A 102 1.11 10.85 -5.31
N ARG A 103 2.23 10.68 -4.62
CA ARG A 103 2.43 11.32 -3.32
C ARG A 103 2.31 12.85 -3.47
N ALA A 104 1.58 13.46 -2.56
CA ALA A 104 1.38 14.90 -2.59
C ALA A 104 2.70 15.68 -2.51
N ASP A 105 3.67 15.16 -1.75
CA ASP A 105 4.93 15.86 -1.64
C ASP A 105 5.66 15.87 -2.99
N TRP A 106 5.43 14.84 -3.82
CA TRP A 106 6.06 14.82 -5.15
C TRP A 106 5.39 15.88 -6.00
N LEU A 107 4.07 15.94 -5.95
CA LEU A 107 3.34 16.92 -6.74
C LEU A 107 3.74 18.33 -6.30
N ILE A 108 3.94 18.51 -5.00
CA ILE A 108 4.33 19.81 -4.49
C ILE A 108 5.70 20.19 -5.00
N GLY A 109 6.59 19.21 -5.06
CA GLY A 109 7.94 19.47 -5.53
C GLY A 109 7.90 19.81 -7.00
N ILE A 110 7.04 19.10 -7.73
CA ILE A 110 6.89 19.31 -9.15
C ILE A 110 6.36 20.72 -9.40
N MET A 111 5.53 21.20 -8.48
CA MET A 111 4.95 22.53 -8.62
C MET A 111 5.99 23.64 -8.66
N LYS A 112 7.17 23.36 -8.11
CA LYS A 112 8.24 24.35 -8.07
C LYS A 112 9.02 24.42 -9.38
N LEU A 113 8.82 23.45 -10.26
CA LEU A 113 9.53 23.40 -11.53
C LEU A 113 8.88 24.16 -12.68
N GLY A 114 7.70 24.72 -12.44
CA GLY A 114 7.04 25.44 -13.50
C GLY A 114 5.64 25.88 -13.14
N LYS A 115 4.99 26.52 -14.11
CA LYS A 115 3.63 27.02 -13.94
C LYS A 115 2.72 26.02 -14.65
N PHE A 116 2.06 25.17 -13.88
CA PHE A 116 1.17 24.17 -14.47
C PHE A 116 -0.26 24.32 -14.00
N THR A 117 -1.12 23.53 -14.63
CA THR A 117 -2.55 23.42 -14.32
C THR A 117 -2.67 21.90 -14.27
N PHE A 118 -3.17 21.34 -13.19
CA PHE A 118 -3.25 19.89 -13.15
C PHE A 118 -4.63 19.31 -13.26
N GLN A 119 -4.65 18.02 -13.57
CA GLN A 119 -5.86 17.26 -13.70
C GLN A 119 -5.40 15.83 -13.45
N PRO A 120 -6.26 15.02 -12.83
CA PRO A 120 -5.97 13.62 -12.54
C PRO A 120 -5.91 12.74 -13.79
N LEU A 121 -4.86 11.93 -13.87
CA LEU A 121 -4.63 11.04 -15.00
C LEU A 121 -5.80 10.13 -15.34
N SER A 122 -6.53 9.67 -14.34
CA SER A 122 -7.64 8.77 -14.56
C SER A 122 -8.72 9.29 -15.52
N SER A 123 -9.10 10.56 -15.37
CA SER A 123 -10.14 11.16 -16.21
C SER A 123 -9.94 10.89 -17.71
N LEU A 124 -8.70 10.66 -18.13
CA LEU A 124 -8.43 10.40 -19.53
C LEU A 124 -7.99 8.96 -19.78
N ILE A 125 -7.15 8.43 -18.89
CA ILE A 125 -6.64 7.07 -19.02
C ILE A 125 -7.75 6.03 -18.95
N LYS A 126 -8.85 6.33 -18.28
CA LYS A 126 -9.92 5.36 -18.16
C LYS A 126 -10.50 5.00 -19.53
N GLU A 127 -10.41 5.91 -20.49
CA GLU A 127 -10.93 5.63 -21.81
C GLU A 127 -10.25 4.41 -22.41
N LEU A 128 -8.95 4.29 -22.19
CA LEU A 128 -8.20 3.14 -22.73
C LEU A 128 -8.36 1.89 -21.86
N ARG A 129 -8.08 2.00 -20.57
CA ARG A 129 -8.19 0.85 -19.68
C ARG A 129 -9.58 0.24 -19.59
N MET A 130 -10.60 1.00 -19.94
CA MET A 130 -11.96 0.49 -19.85
C MET A 130 -12.27 -0.60 -20.87
N ILE A 131 -11.57 -0.57 -22.00
CA ILE A 131 -11.77 -1.56 -23.04
C ILE A 131 -10.61 -2.53 -22.98
N LYS A 132 -10.85 -3.70 -22.43
CA LYS A 132 -9.80 -4.72 -22.34
C LYS A 132 -9.55 -5.41 -23.66
N ASP A 133 -8.28 -5.63 -23.98
CA ASP A 133 -7.96 -6.34 -25.21
C ASP A 133 -7.95 -7.84 -24.90
N LYS A 134 -7.87 -8.65 -25.95
CA LYS A 134 -7.92 -10.11 -25.81
C LYS A 134 -7.00 -10.73 -24.78
N GLU A 135 -5.77 -10.26 -24.71
CA GLU A 135 -4.87 -10.83 -23.72
C GLU A 135 -5.37 -10.48 -22.32
N GLU A 136 -5.58 -9.20 -22.07
CA GLU A 136 -6.05 -8.78 -20.75
C GLU A 136 -7.21 -9.67 -20.30
N VAL A 137 -8.12 -9.98 -21.22
CA VAL A 137 -9.24 -10.83 -20.91
C VAL A 137 -8.78 -12.27 -20.56
N LYS A 138 -7.71 -12.73 -21.21
CA LYS A 138 -7.19 -14.06 -20.93
C LYS A 138 -6.67 -14.05 -19.52
N MET A 139 -5.94 -12.99 -19.16
CA MET A 139 -5.38 -12.80 -17.83
C MET A 139 -6.48 -12.88 -16.77
N MET A 140 -7.53 -12.08 -16.95
CA MET A 140 -8.65 -12.04 -16.02
C MET A 140 -9.32 -13.41 -15.93
N GLU A 141 -9.49 -14.07 -17.08
CA GLU A 141 -10.11 -15.39 -17.12
C GLU A 141 -9.30 -16.36 -16.26
N HIS A 142 -8.00 -16.15 -16.23
CA HIS A 142 -7.13 -17.00 -15.44
C HIS A 142 -7.36 -16.70 -13.96
N ALA A 143 -7.37 -15.41 -13.60
CA ALA A 143 -7.60 -15.05 -12.21
C ALA A 143 -8.98 -15.49 -11.74
N SER A 144 -9.93 -15.52 -12.66
CA SER A 144 -11.28 -15.92 -12.30
C SER A 144 -11.36 -17.41 -12.02
N ARG A 145 -10.71 -18.23 -12.85
CA ARG A 145 -10.72 -19.66 -12.62
C ARG A 145 -10.08 -19.99 -11.27
N ILE A 146 -8.99 -19.30 -10.94
CA ILE A 146 -8.31 -19.50 -9.67
C ILE A 146 -9.30 -19.20 -8.53
N ALA A 147 -10.13 -18.16 -8.69
CA ALA A 147 -11.10 -17.80 -7.66
C ALA A 147 -12.12 -18.94 -7.52
N ASP A 148 -12.42 -19.59 -8.64
CA ASP A 148 -13.35 -20.75 -8.67
C ASP A 148 -12.72 -21.93 -7.92
N LYS A 149 -11.47 -22.26 -8.24
CA LYS A 149 -10.76 -23.36 -7.57
C LYS A 149 -10.78 -23.15 -6.06
N VAL A 150 -10.43 -21.93 -5.63
CA VAL A 150 -10.40 -21.63 -4.22
C VAL A 150 -11.75 -21.90 -3.59
N PHE A 151 -12.83 -21.56 -4.30
CA PHE A 151 -14.15 -21.81 -3.76
C PHE A 151 -14.41 -23.31 -3.61
N GLU A 152 -13.98 -24.09 -4.60
CA GLU A 152 -14.16 -25.55 -4.53
C GLU A 152 -13.38 -26.06 -3.33
N GLU A 153 -12.20 -25.46 -3.13
CA GLU A 153 -11.33 -25.86 -2.05
C GLU A 153 -11.91 -25.54 -0.69
N ILE A 154 -12.50 -24.35 -0.55
CA ILE A 154 -13.09 -23.96 0.72
C ILE A 154 -14.19 -24.94 1.17
N LEU A 155 -14.98 -25.43 0.24
CA LEU A 155 -16.05 -26.35 0.56
C LEU A 155 -15.57 -27.69 1.15
N THR A 156 -14.26 -27.88 1.28
CA THR A 156 -13.78 -29.13 1.84
C THR A 156 -13.20 -28.97 3.24
N TRP A 157 -13.11 -27.74 3.72
CA TRP A 157 -12.56 -27.50 5.05
C TRP A 157 -13.61 -27.68 6.13
N ASP A 158 -13.17 -27.93 7.35
CA ASP A 158 -14.10 -28.10 8.48
C ASP A 158 -14.23 -26.71 9.08
N LEU A 159 -15.29 -26.01 8.68
CA LEU A 159 -15.52 -24.64 9.14
C LEU A 159 -16.06 -24.46 10.57
N ILE A 160 -16.61 -25.51 11.16
CA ILE A 160 -17.16 -25.39 12.52
C ILE A 160 -16.11 -24.98 13.55
N GLY A 161 -16.39 -23.93 14.31
CA GLY A 161 -15.47 -23.47 15.34
C GLY A 161 -14.34 -22.58 14.89
N MET A 162 -14.23 -22.38 13.58
CA MET A 162 -13.18 -21.56 13.01
C MET A 162 -13.49 -20.07 13.08
N LYS A 163 -12.51 -19.27 13.47
CA LYS A 163 -12.73 -17.84 13.53
C LYS A 163 -12.73 -17.23 12.12
N GLU A 164 -13.57 -16.22 11.94
CA GLU A 164 -13.68 -15.53 10.65
C GLU A 164 -12.27 -15.14 10.19
N ARG A 165 -11.51 -14.55 11.10
CA ARG A 165 -10.16 -14.11 10.83
C ARG A 165 -9.28 -15.27 10.42
N GLU A 166 -9.52 -16.45 10.98
CA GLU A 166 -8.70 -17.63 10.64
C GLU A 166 -9.01 -18.18 9.25
N LEU A 167 -10.28 -18.12 8.86
CA LEU A 167 -10.70 -18.59 7.55
C LEU A 167 -10.14 -17.65 6.48
N ALA A 168 -10.35 -16.35 6.65
CA ALA A 168 -9.83 -15.39 5.69
C ALA A 168 -8.33 -15.65 5.52
N LEU A 169 -7.66 -15.97 6.62
CA LEU A 169 -6.23 -16.23 6.57
C LEU A 169 -5.94 -17.42 5.67
N LYS A 170 -6.72 -18.49 5.83
CA LYS A 170 -6.54 -19.69 4.99
C LYS A 170 -6.82 -19.39 3.51
N ILE A 171 -7.83 -18.56 3.26
CA ILE A 171 -8.17 -18.21 1.91
C ILE A 171 -6.99 -17.40 1.33
N GLU A 172 -6.50 -16.43 2.08
CA GLU A 172 -5.38 -15.62 1.63
C GLU A 172 -4.19 -16.49 1.19
N LEU A 173 -3.81 -17.44 2.04
CA LEU A 173 -2.68 -18.29 1.71
C LEU A 173 -2.95 -19.16 0.48
N LEU A 174 -4.16 -19.71 0.38
CA LEU A 174 -4.47 -20.56 -0.76
C LEU A 174 -4.39 -19.73 -2.03
N ILE A 175 -4.84 -18.47 -1.95
CA ILE A 175 -4.80 -17.58 -3.09
C ILE A 175 -3.34 -17.22 -3.43
N ARG A 176 -2.49 -17.09 -2.41
CA ARG A 176 -1.10 -16.73 -2.64
C ARG A 176 -0.28 -17.91 -3.14
N GLU A 177 -0.79 -19.10 -2.87
CA GLU A 177 -0.13 -20.33 -3.31
C GLU A 177 -0.45 -20.55 -4.77
N LEU A 178 -1.72 -20.32 -5.12
CA LEU A 178 -2.24 -20.52 -6.47
C LEU A 178 -2.07 -19.42 -7.49
N SER A 179 -1.68 -18.22 -7.07
CA SER A 179 -1.54 -17.13 -8.03
C SER A 179 -0.42 -16.20 -7.66
N ASP A 180 -0.42 -15.02 -8.29
CA ASP A 180 0.58 -14.01 -8.02
C ASP A 180 0.34 -13.21 -6.74
N GLY A 181 -0.82 -13.42 -6.12
CA GLY A 181 -1.14 -12.72 -4.89
C GLY A 181 -2.61 -12.34 -4.78
N ILE A 182 -3.02 -11.89 -3.60
CA ILE A 182 -4.42 -11.48 -3.40
C ILE A 182 -4.74 -10.12 -4.04
N ALA A 183 -5.95 -9.99 -4.57
CA ALA A 183 -6.37 -8.74 -5.18
C ALA A 183 -6.67 -7.75 -4.07
N PHE A 184 -7.08 -8.28 -2.92
CA PHE A 184 -7.39 -7.49 -1.73
C PHE A 184 -7.45 -8.46 -0.55
N GLU A 185 -7.62 -7.93 0.65
CA GLU A 185 -7.70 -8.76 1.85
C GLU A 185 -9.03 -9.49 1.83
N PRO A 186 -9.00 -10.83 1.97
CA PRO A 186 -10.22 -11.63 1.96
C PRO A 186 -11.22 -11.22 3.03
N ILE A 187 -12.50 -11.35 2.72
CA ILE A 187 -13.51 -11.00 3.68
C ILE A 187 -14.36 -12.22 4.03
N VAL A 188 -14.55 -12.42 5.33
CA VAL A 188 -15.34 -13.52 5.85
C VAL A 188 -16.27 -12.92 6.92
N ALA A 189 -17.57 -12.89 6.61
CA ALA A 189 -18.57 -12.35 7.52
C ALA A 189 -19.58 -13.43 7.81
N SER A 190 -19.60 -13.85 9.07
CA SER A 190 -20.46 -14.92 9.55
C SER A 190 -21.63 -14.40 10.36
N GLY A 191 -22.70 -15.20 10.40
CA GLY A 191 -23.88 -14.82 11.16
C GLY A 191 -24.34 -13.40 10.91
N GLU A 192 -24.63 -12.68 11.98
CA GLU A 192 -25.11 -11.31 11.92
C GLU A 192 -24.06 -10.34 11.39
N ASN A 193 -22.82 -10.80 11.25
CA ASN A 193 -21.79 -9.94 10.72
C ASN A 193 -21.97 -9.82 9.21
N ALA A 194 -22.65 -10.80 8.62
CA ALA A 194 -22.89 -10.79 7.19
C ALA A 194 -23.77 -9.57 6.84
N ALA A 195 -24.26 -8.89 7.86
CA ALA A 195 -25.12 -7.71 7.69
C ALA A 195 -24.32 -6.48 7.30
N ASN A 196 -23.04 -6.45 7.67
CA ASN A 196 -22.20 -5.32 7.32
C ASN A 196 -21.34 -5.64 6.10
N PRO A 197 -21.64 -4.98 4.96
CA PRO A 197 -20.92 -5.15 3.69
C PRO A 197 -19.43 -4.88 3.86
N HIS A 198 -19.13 -3.92 4.74
CA HIS A 198 -17.76 -3.54 5.03
C HIS A 198 -17.15 -4.28 6.20
N HIS A 199 -17.81 -5.32 6.68
CA HIS A 199 -17.31 -6.09 7.82
C HIS A 199 -15.88 -6.55 7.64
N GLU A 200 -15.10 -6.43 8.70
CA GLU A 200 -13.71 -6.86 8.70
C GLU A 200 -13.67 -8.15 9.51
N PRO A 201 -13.32 -9.28 8.86
CA PRO A 201 -13.25 -10.56 9.57
C PRO A 201 -12.65 -10.46 10.98
N GLY A 202 -13.41 -10.95 11.96
CA GLY A 202 -13.00 -10.88 13.36
C GLY A 202 -12.80 -12.21 14.07
N GLU A 203 -12.96 -12.20 15.39
CA GLU A 203 -12.75 -13.40 16.18
C GLU A 203 -13.97 -14.28 16.39
N ARG A 204 -15.10 -13.88 15.84
CA ARG A 204 -16.31 -14.67 15.98
C ARG A 204 -16.12 -16.08 15.39
N LYS A 205 -16.49 -17.10 16.15
CA LYS A 205 -16.38 -18.46 15.70
C LYS A 205 -17.62 -18.82 14.91
N ILE A 206 -17.41 -19.56 13.84
CA ILE A 206 -18.47 -20.00 12.94
C ILE A 206 -19.20 -21.18 13.58
N ARG A 207 -20.48 -21.02 13.91
CA ARG A 207 -21.23 -22.13 14.46
C ARG A 207 -22.33 -22.54 13.50
N LYS A 208 -23.04 -23.61 13.85
CA LYS A 208 -24.12 -24.08 12.99
C LYS A 208 -25.27 -23.10 12.95
N GLY A 209 -25.96 -23.08 11.82
CA GLY A 209 -27.08 -22.16 11.65
C GLY A 209 -26.49 -20.79 11.39
N ASP A 210 -25.38 -20.78 10.68
CA ASP A 210 -24.67 -19.56 10.34
C ASP A 210 -24.49 -19.42 8.85
N ILE A 211 -24.81 -18.24 8.33
CA ILE A 211 -24.64 -17.98 6.92
C ILE A 211 -23.29 -17.31 6.84
N ILE A 212 -22.58 -17.52 5.74
CA ILE A 212 -21.24 -16.96 5.56
C ILE A 212 -20.99 -16.30 4.20
N ILE A 213 -20.60 -15.02 4.23
CA ILE A 213 -20.30 -14.33 2.99
C ILE A 213 -18.81 -14.47 2.76
N LEU A 214 -18.45 -15.01 1.60
CA LEU A 214 -17.05 -15.20 1.25
C LEU A 214 -16.69 -14.31 0.07
N ASP A 215 -15.92 -13.27 0.32
CA ASP A 215 -15.49 -12.35 -0.73
C ASP A 215 -13.95 -12.26 -0.78
N TYR A 216 -13.38 -12.63 -1.93
CA TYR A 216 -11.94 -12.57 -2.09
C TYR A 216 -11.63 -12.51 -3.57
N GLY A 217 -10.38 -12.19 -3.90
CA GLY A 217 -9.99 -12.12 -5.29
C GLY A 217 -8.54 -12.47 -5.48
N ALA A 218 -8.18 -12.84 -6.71
CA ALA A 218 -6.79 -13.21 -7.01
C ALA A 218 -6.19 -12.33 -8.10
N ARG A 219 -4.87 -12.33 -8.21
CA ARG A 219 -4.20 -11.55 -9.26
C ARG A 219 -3.34 -12.47 -10.11
N TRP A 220 -3.48 -12.32 -11.42
CA TRP A 220 -2.69 -13.09 -12.37
C TRP A 220 -2.10 -12.11 -13.36
N LYS A 221 -0.78 -11.92 -13.30
CA LYS A 221 -0.08 -11.01 -14.20
C LYS A 221 -0.69 -9.63 -14.13
N GLY A 222 -0.96 -9.19 -12.91
CA GLY A 222 -1.51 -7.87 -12.70
C GLY A 222 -3.02 -7.76 -12.78
N TYR A 223 -3.69 -8.75 -13.37
CA TYR A 223 -5.15 -8.66 -13.48
C TYR A 223 -5.89 -9.34 -12.32
N CYS A 224 -6.97 -8.71 -11.90
CA CYS A 224 -7.76 -9.15 -10.77
C CYS A 224 -9.03 -9.91 -11.07
N SER A 225 -9.55 -10.58 -10.03
CA SER A 225 -10.81 -11.29 -10.11
C SER A 225 -11.44 -10.97 -8.76
N ASP A 226 -12.76 -10.89 -8.70
CA ASP A 226 -13.48 -10.60 -7.47
C ASP A 226 -14.74 -11.44 -7.48
N ILE A 227 -14.80 -12.37 -6.53
CA ILE A 227 -15.93 -13.28 -6.44
C ILE A 227 -16.51 -13.25 -5.04
N THR A 228 -17.79 -13.57 -4.93
CA THR A 228 -18.42 -13.60 -3.62
C THR A 228 -19.45 -14.70 -3.66
N ARG A 229 -19.42 -15.55 -2.65
CA ARG A 229 -20.37 -16.65 -2.52
C ARG A 229 -20.82 -16.65 -1.09
N THR A 230 -22.05 -17.07 -0.88
CA THR A 230 -22.62 -17.13 0.45
C THR A 230 -23.06 -18.55 0.70
N ILE A 231 -22.58 -19.14 1.79
CA ILE A 231 -22.93 -20.51 2.10
C ILE A 231 -23.58 -20.62 3.47
N GLY A 232 -24.18 -21.78 3.73
CA GLY A 232 -24.81 -22.02 5.01
C GLY A 232 -24.21 -23.24 5.64
N LEU A 233 -24.03 -23.20 6.95
CA LEU A 233 -23.47 -24.33 7.67
C LEU A 233 -24.62 -24.90 8.50
N GLY A 234 -25.06 -26.11 8.16
CA GLY A 234 -26.18 -26.69 8.87
C GLY A 234 -27.40 -25.94 8.37
N GLU A 235 -28.56 -26.11 9.00
CA GLU A 235 -29.74 -25.40 8.51
C GLU A 235 -29.89 -23.97 8.99
N LEU A 236 -30.13 -23.09 8.03
CA LEU A 236 -30.27 -21.66 8.29
C LEU A 236 -31.73 -21.23 8.46
N ASP A 237 -31.89 -20.00 8.95
CA ASP A 237 -33.20 -19.38 9.17
C ASP A 237 -33.93 -19.23 7.82
N GLU A 238 -35.15 -19.76 7.73
CA GLU A 238 -35.95 -19.72 6.51
C GLU A 238 -35.97 -18.36 5.80
N ARG A 239 -35.97 -17.28 6.58
CA ARG A 239 -35.98 -15.94 6.02
C ARG A 239 -34.77 -15.77 5.08
N LEU A 240 -33.58 -16.10 5.61
CA LEU A 240 -32.34 -16.01 4.84
C LEU A 240 -32.39 -16.92 3.62
N VAL A 241 -32.96 -18.10 3.77
CA VAL A 241 -33.05 -19.03 2.67
C VAL A 241 -33.79 -18.38 1.50
N LYS A 242 -34.77 -17.53 1.83
CA LYS A 242 -35.56 -16.85 0.81
C LYS A 242 -34.87 -15.59 0.31
N ILE A 243 -34.18 -14.89 1.20
CA ILE A 243 -33.46 -13.69 0.81
C ILE A 243 -32.41 -14.11 -0.22
N TYR A 244 -31.89 -15.32 -0.06
CA TYR A 244 -30.89 -15.87 -0.97
C TYR A 244 -31.47 -16.07 -2.36
N GLU A 245 -32.66 -16.65 -2.41
CA GLU A 245 -33.29 -16.88 -3.70
C GLU A 245 -33.50 -15.56 -4.43
N VAL A 246 -33.76 -14.49 -3.69
CA VAL A 246 -33.97 -13.16 -4.27
C VAL A 246 -32.69 -12.66 -4.95
N VAL A 247 -31.59 -12.79 -4.23
CA VAL A 247 -30.29 -12.36 -4.71
C VAL A 247 -29.91 -13.15 -5.95
N LYS A 248 -30.16 -14.45 -5.92
CA LYS A 248 -29.84 -15.33 -7.04
C LYS A 248 -30.51 -14.86 -8.34
N ASP A 249 -31.82 -14.70 -8.29
CA ASP A 249 -32.60 -14.25 -9.44
C ASP A 249 -32.15 -12.84 -9.84
N ALA A 250 -31.99 -11.98 -8.83
CA ALA A 250 -31.56 -10.61 -9.05
C ALA A 250 -30.25 -10.58 -9.83
N GLN A 251 -29.25 -11.30 -9.32
CA GLN A 251 -27.93 -11.37 -9.95
C GLN A 251 -28.04 -11.93 -11.36
N GLU A 252 -28.97 -12.86 -11.55
CA GLU A 252 -29.19 -13.48 -12.85
C GLU A 252 -29.83 -12.50 -13.82
N SER A 253 -30.82 -11.75 -13.33
CA SER A 253 -31.52 -10.75 -14.15
C SER A 253 -30.57 -9.64 -14.60
N ALA A 254 -29.73 -9.15 -13.70
CA ALA A 254 -28.79 -8.12 -14.07
C ALA A 254 -27.85 -8.68 -15.11
N PHE A 255 -27.50 -9.95 -14.94
CA PHE A 255 -26.58 -10.59 -15.87
C PHE A 255 -27.15 -10.70 -17.28
N LYS A 256 -28.41 -11.12 -17.36
CA LYS A 256 -29.13 -11.29 -18.63
C LYS A 256 -29.29 -9.97 -19.40
N ALA A 257 -29.39 -8.87 -18.66
CA ALA A 257 -29.56 -7.54 -19.26
C ALA A 257 -28.27 -7.03 -19.91
N VAL A 258 -27.13 -7.57 -19.49
CA VAL A 258 -25.85 -7.14 -20.05
C VAL A 258 -25.78 -7.36 -21.56
N ARG A 259 -25.68 -6.25 -22.28
CA ARG A 259 -25.64 -6.27 -23.73
C ARG A 259 -24.93 -5.00 -24.21
N GLU A 260 -24.37 -5.05 -25.41
CA GLU A 260 -23.68 -3.88 -25.97
C GLU A 260 -24.73 -2.86 -26.37
N GLY A 261 -24.52 -1.60 -25.98
CA GLY A 261 -25.48 -0.56 -26.31
C GLY A 261 -26.36 -0.05 -25.18
N ILE A 262 -26.46 -0.77 -24.06
CA ILE A 262 -27.29 -0.29 -22.95
C ILE A 262 -26.45 0.45 -21.93
N LYS A 263 -27.08 1.36 -21.22
CA LYS A 263 -26.39 2.17 -20.22
C LYS A 263 -26.17 1.40 -18.92
N ALA A 264 -24.98 1.52 -18.37
CA ALA A 264 -24.59 0.85 -17.14
C ALA A 264 -25.70 0.85 -16.08
N LYS A 265 -26.24 2.03 -15.78
CA LYS A 265 -27.30 2.15 -14.78
C LYS A 265 -28.51 1.25 -15.05
N ASP A 266 -28.73 0.87 -16.30
CA ASP A 266 -29.87 0.03 -16.61
C ASP A 266 -29.64 -1.41 -16.19
N VAL A 267 -28.39 -1.86 -16.18
CA VAL A 267 -28.10 -3.22 -15.74
C VAL A 267 -28.36 -3.25 -14.23
N ASP A 268 -27.89 -2.21 -13.54
CA ASP A 268 -28.07 -2.07 -12.10
C ASP A 268 -29.56 -2.13 -11.76
N SER A 269 -30.33 -1.30 -12.45
CA SER A 269 -31.76 -1.21 -12.24
C SER A 269 -32.47 -2.55 -12.41
N ARG A 270 -31.95 -3.37 -13.32
CA ARG A 270 -32.53 -4.67 -13.58
C ARG A 270 -32.48 -5.54 -12.33
N ALA A 271 -31.33 -5.56 -11.65
CA ALA A 271 -31.20 -6.36 -10.42
C ALA A 271 -31.93 -5.66 -9.28
N ARG A 272 -31.70 -4.36 -9.16
CA ARG A 272 -32.29 -3.53 -8.12
C ARG A 272 -33.81 -3.67 -8.05
N GLU A 273 -34.45 -3.82 -9.20
CA GLU A 273 -35.89 -3.95 -9.21
C GLU A 273 -36.35 -5.31 -8.69
N VAL A 274 -35.70 -6.39 -9.16
CA VAL A 274 -36.03 -7.75 -8.73
C VAL A 274 -36.06 -7.84 -7.20
N ILE A 275 -35.22 -7.04 -6.56
CA ILE A 275 -35.13 -7.02 -5.11
C ILE A 275 -36.24 -6.18 -4.47
N SER A 276 -36.55 -5.03 -5.06
CA SER A 276 -37.62 -4.18 -4.52
C SER A 276 -38.95 -4.91 -4.55
N LYS A 277 -39.29 -5.45 -5.71
CA LYS A 277 -40.53 -6.17 -5.90
C LYS A 277 -40.74 -7.27 -4.86
N ALA A 278 -39.62 -7.73 -4.29
CA ALA A 278 -39.66 -8.77 -3.28
C ALA A 278 -39.84 -8.13 -1.90
N GLY A 279 -39.67 -6.82 -1.87
CA GLY A 279 -39.81 -6.08 -0.63
C GLY A 279 -38.53 -5.82 0.15
N TYR A 280 -37.39 -6.22 -0.39
CA TYR A 280 -36.13 -6.03 0.32
C TYR A 280 -35.33 -4.80 -0.07
N GLY A 281 -35.98 -3.89 -0.81
CA GLY A 281 -35.32 -2.68 -1.28
C GLY A 281 -34.46 -1.83 -0.36
N GLU A 282 -34.88 -1.58 0.88
CA GLU A 282 -34.07 -0.75 1.77
C GLU A 282 -32.89 -1.52 2.34
N TYR A 283 -32.76 -2.78 1.93
CA TYR A 283 -31.67 -3.62 2.43
C TYR A 283 -30.53 -3.83 1.41
N PHE A 284 -30.67 -3.25 0.22
CA PHE A 284 -29.67 -3.34 -0.84
C PHE A 284 -28.96 -1.99 -0.86
N ILE A 285 -27.96 -1.82 0.01
CA ILE A 285 -27.27 -0.55 0.13
C ILE A 285 -26.03 -0.19 -0.71
N HIS A 286 -25.86 -0.78 -1.88
CA HIS A 286 -24.71 -0.39 -2.71
C HIS A 286 -24.91 -0.63 -4.20
N ARG A 287 -23.93 -0.21 -5.00
CA ARG A 287 -23.99 -0.40 -6.44
C ARG A 287 -24.08 -1.89 -6.74
N THR A 288 -24.60 -2.23 -7.90
CA THR A 288 -24.72 -3.62 -8.28
C THR A 288 -23.33 -4.15 -8.64
N GLY A 289 -22.47 -3.27 -9.16
CA GLY A 289 -21.14 -3.70 -9.54
C GLY A 289 -20.18 -2.59 -9.92
N HIS A 290 -18.95 -2.98 -10.24
CA HIS A 290 -17.91 -2.06 -10.63
C HIS A 290 -16.97 -2.75 -11.59
N GLY A 291 -16.32 -1.99 -12.46
CA GLY A 291 -15.38 -2.56 -13.41
C GLY A 291 -14.11 -3.02 -12.70
N LEU A 292 -13.39 -3.97 -13.29
CA LEU A 292 -12.14 -4.45 -12.72
C LEU A 292 -11.16 -4.67 -13.84
N GLY A 293 -9.89 -4.87 -13.48
CA GLY A 293 -8.82 -5.09 -14.45
C GLY A 293 -7.51 -5.10 -13.69
N LEU A 294 -6.68 -4.08 -13.87
CA LEU A 294 -5.41 -4.03 -13.15
C LEU A 294 -5.70 -3.61 -11.70
N ASP A 295 -6.85 -2.97 -11.48
CA ASP A 295 -7.26 -2.54 -10.13
C ASP A 295 -8.54 -3.25 -9.77
N VAL A 296 -8.84 -3.35 -8.49
CA VAL A 296 -10.06 -4.03 -8.06
C VAL A 296 -11.29 -3.20 -8.33
N HIS A 297 -11.11 -1.88 -8.36
CA HIS A 297 -12.23 -0.96 -8.65
C HIS A 297 -11.83 -0.01 -9.79
N GLU A 298 -12.61 -0.04 -10.86
CA GLU A 298 -12.40 0.85 -12.00
C GLU A 298 -13.66 0.96 -12.85
N GLU A 299 -13.61 1.76 -13.92
CA GLU A 299 -14.74 1.95 -14.80
C GLU A 299 -15.09 0.68 -15.56
N PRO A 300 -16.38 0.48 -15.86
CA PRO A 300 -17.45 1.41 -15.49
C PRO A 300 -18.09 1.02 -14.16
N TYR A 301 -18.81 1.96 -13.56
CA TYR A 301 -19.49 1.67 -12.32
C TYR A 301 -20.93 1.27 -12.64
N ILE A 302 -21.32 0.08 -12.21
CA ILE A 302 -22.67 -0.43 -12.46
C ILE A 302 -23.57 -0.07 -11.29
N GLY A 303 -24.04 1.16 -11.28
CA GLY A 303 -24.92 1.64 -10.23
C GLY A 303 -25.88 2.71 -10.72
N PRO A 304 -26.78 3.19 -9.85
CA PRO A 304 -27.78 4.22 -10.16
C PRO A 304 -27.27 5.40 -10.99
N ASP A 305 -26.02 5.76 -10.76
CA ASP A 305 -25.41 6.89 -11.43
C ASP A 305 -24.47 6.56 -12.60
N GLY A 306 -24.43 5.28 -13.01
CA GLY A 306 -23.55 4.89 -14.11
C GLY A 306 -24.05 5.29 -15.47
N GLU A 307 -23.33 6.21 -16.13
CA GLU A 307 -23.70 6.73 -17.45
C GLU A 307 -22.94 6.11 -18.64
N VAL A 308 -21.96 5.27 -18.37
CA VAL A 308 -21.19 4.64 -19.42
C VAL A 308 -22.03 3.69 -20.28
N ILE A 309 -21.94 3.83 -21.60
CA ILE A 309 -22.67 2.94 -22.48
C ILE A 309 -21.78 1.70 -22.71
N LEU A 310 -22.29 0.54 -22.28
CA LEU A 310 -21.58 -0.71 -22.37
C LEU A 310 -21.15 -1.10 -23.78
N LYS A 311 -19.90 -1.58 -23.88
CA LYS A 311 -19.31 -2.01 -25.15
C LYS A 311 -18.51 -3.30 -24.95
N ASN A 312 -18.06 -3.89 -26.05
CA ASN A 312 -17.29 -5.13 -25.99
C ASN A 312 -15.90 -4.87 -25.43
N GLY A 313 -15.48 -5.71 -24.49
CA GLY A 313 -14.17 -5.55 -23.91
C GLY A 313 -14.25 -5.02 -22.49
N MET A 314 -15.42 -4.53 -22.08
CA MET A 314 -15.57 -4.04 -20.73
C MET A 314 -15.74 -5.22 -19.79
N THR A 315 -15.10 -5.12 -18.63
CA THR A 315 -15.14 -6.16 -17.60
C THR A 315 -15.61 -5.52 -16.29
N PHE A 316 -16.60 -6.14 -15.65
CA PHE A 316 -17.11 -5.60 -14.41
C PHE A 316 -17.81 -6.67 -13.59
N THR A 317 -18.14 -6.32 -12.36
CA THR A 317 -18.83 -7.24 -11.46
C THR A 317 -20.34 -6.97 -11.35
N ILE A 318 -21.08 -8.05 -11.12
CA ILE A 318 -22.52 -8.00 -10.87
C ILE A 318 -22.58 -8.67 -9.51
N GLU A 319 -22.77 -7.86 -8.46
CA GLU A 319 -22.78 -8.37 -7.08
C GLU A 319 -23.82 -7.74 -6.16
N PRO A 320 -25.10 -7.96 -6.45
CA PRO A 320 -26.20 -7.41 -5.66
C PRO A 320 -26.30 -8.15 -4.34
N GLY A 321 -26.71 -7.45 -3.28
CA GLY A 321 -26.81 -8.10 -2.00
C GLY A 321 -27.86 -7.52 -1.08
N ILE A 322 -28.39 -8.36 -0.20
CA ILE A 322 -29.39 -7.95 0.77
C ILE A 322 -28.77 -8.07 2.15
N TYR A 323 -28.80 -6.97 2.91
CA TYR A 323 -28.22 -6.96 4.24
C TYR A 323 -29.21 -6.53 5.33
N VAL A 324 -29.64 -7.50 6.12
CA VAL A 324 -30.61 -7.26 7.20
C VAL A 324 -29.94 -7.31 8.57
N PRO A 325 -29.89 -6.17 9.28
CA PRO A 325 -29.27 -6.12 10.61
C PRO A 325 -29.78 -7.21 11.54
N GLY A 326 -28.94 -7.60 12.51
CA GLY A 326 -29.32 -8.62 13.47
C GLY A 326 -29.69 -9.97 12.90
N LEU A 327 -29.81 -10.07 11.58
CA LEU A 327 -30.17 -11.33 10.92
C LEU A 327 -29.02 -11.96 10.15
N GLY A 328 -28.55 -11.27 9.11
CA GLY A 328 -27.46 -11.78 8.30
C GLY A 328 -27.35 -11.02 6.99
N GLY A 329 -26.79 -11.67 5.97
CA GLY A 329 -26.63 -11.03 4.68
C GLY A 329 -26.31 -12.02 3.58
N VAL A 330 -26.51 -11.62 2.32
CA VAL A 330 -26.22 -12.49 1.18
C VAL A 330 -25.85 -11.69 -0.06
N ARG A 331 -24.82 -12.13 -0.77
CA ARG A 331 -24.38 -11.46 -1.98
C ARG A 331 -23.77 -12.53 -2.87
N ILE A 332 -24.08 -12.46 -4.16
CA ILE A 332 -23.55 -13.39 -5.14
C ILE A 332 -22.89 -12.57 -6.24
N GLU A 333 -21.58 -12.72 -6.37
CA GLU A 333 -20.82 -11.94 -7.34
C GLU A 333 -20.05 -12.71 -8.38
N ASP A 334 -20.18 -12.28 -9.62
CA ASP A 334 -19.46 -12.89 -10.73
C ASP A 334 -18.72 -11.79 -11.45
N ASP A 335 -17.71 -12.17 -12.22
CA ASP A 335 -16.97 -11.18 -12.98
C ASP A 335 -17.48 -11.37 -14.41
N ILE A 336 -17.84 -10.27 -15.05
CA ILE A 336 -18.36 -10.33 -16.40
C ILE A 336 -17.56 -9.52 -17.41
N VAL A 337 -17.55 -10.02 -18.64
CA VAL A 337 -16.89 -9.34 -19.74
C VAL A 337 -17.99 -9.19 -20.81
N VAL A 338 -17.97 -8.09 -21.55
CA VAL A 338 -18.94 -7.91 -22.62
C VAL A 338 -18.21 -8.49 -23.80
N ASP A 339 -18.72 -9.62 -24.29
CA ASP A 339 -18.13 -10.39 -25.38
C ASP A 339 -19.19 -10.70 -26.44
N GLU A 340 -18.94 -10.29 -27.69
CA GLU A 340 -19.87 -10.51 -28.78
C GLU A 340 -21.22 -9.86 -28.46
N GLY A 341 -21.18 -8.62 -28.01
CA GLY A 341 -22.39 -7.88 -27.67
C GLY A 341 -23.24 -8.44 -26.55
N LYS A 342 -22.73 -9.48 -25.89
CA LYS A 342 -23.46 -10.14 -24.81
C LYS A 342 -22.56 -10.34 -23.60
N GLY A 343 -23.17 -10.47 -22.43
CA GLY A 343 -22.39 -10.68 -21.22
C GLY A 343 -21.90 -12.11 -21.10
N ARG A 344 -20.68 -12.28 -20.61
CA ARG A 344 -20.11 -13.61 -20.45
C ARG A 344 -19.38 -13.72 -19.11
N ARG A 345 -19.89 -14.60 -18.24
CA ARG A 345 -19.31 -14.80 -16.92
C ARG A 345 -17.88 -15.34 -16.98
N LEU A 346 -16.97 -14.68 -16.28
CA LEU A 346 -15.59 -15.16 -16.27
C LEU A 346 -15.47 -16.12 -15.10
N THR A 347 -16.23 -15.85 -14.03
CA THR A 347 -16.25 -16.69 -12.84
C THR A 347 -17.41 -17.68 -13.01
N LYS A 348 -17.13 -18.98 -12.84
CA LYS A 348 -18.16 -20.00 -13.03
C LYS A 348 -18.61 -20.80 -11.80
N ALA A 349 -18.10 -20.45 -10.63
CA ALA A 349 -18.47 -21.15 -9.39
C ALA A 349 -19.98 -21.35 -9.22
N GLU A 350 -20.35 -22.48 -8.63
CA GLU A 350 -21.74 -22.82 -8.38
C GLU A 350 -22.44 -21.67 -7.65
N ARG A 351 -23.63 -21.32 -8.12
CA ARG A 351 -24.41 -20.22 -7.54
C ARG A 351 -25.58 -20.67 -6.67
N GLU A 352 -25.95 -21.94 -6.73
CA GLU A 352 -27.04 -22.41 -5.89
C GLU A 352 -26.62 -22.28 -4.43
N LEU A 353 -27.58 -22.24 -3.51
CA LEU A 353 -27.26 -22.12 -2.09
C LEU A 353 -26.74 -23.45 -1.55
N ILE A 354 -25.53 -23.41 -1.00
CA ILE A 354 -24.94 -24.61 -0.46
C ILE A 354 -24.91 -24.60 1.06
N ILE A 355 -25.34 -25.71 1.63
CA ILE A 355 -25.36 -25.88 3.07
C ILE A 355 -24.37 -26.98 3.37
N LEU A 356 -23.58 -26.78 4.42
CA LEU A 356 -22.61 -27.80 4.81
C LEU A 356 -22.95 -28.32 6.21
N MET B 1 -1.50 16.53 23.97
CA MET B 1 -0.35 17.47 24.19
C MET B 1 0.44 17.62 22.89
N ARG B 2 0.40 16.60 22.05
CA ARG B 2 1.11 16.65 20.77
C ARG B 2 0.45 17.61 19.80
N LEU B 3 -0.86 17.46 19.65
CA LEU B 3 -1.63 18.31 18.75
C LEU B 3 -1.40 19.76 19.12
N GLU B 4 -1.40 20.05 20.42
CA GLU B 4 -1.20 21.41 20.91
C GLU B 4 0.20 21.92 20.60
N LYS B 5 1.19 21.03 20.70
CA LYS B 5 2.58 21.39 20.43
C LYS B 5 2.71 21.73 18.94
N PHE B 6 2.18 20.84 18.11
CA PHE B 6 2.20 21.01 16.67
C PHE B 6 1.58 22.34 16.30
N ILE B 7 0.45 22.66 16.91
CA ILE B 7 -0.23 23.91 16.61
C ILE B 7 0.66 25.09 16.95
N HIS B 8 1.34 25.01 18.09
CA HIS B 8 2.22 26.06 18.52
C HIS B 8 3.38 26.18 17.52
N LEU B 9 3.93 25.04 17.13
CA LEU B 9 5.04 25.03 16.18
C LEU B 9 4.61 25.66 14.85
N LEU B 10 3.36 25.45 14.45
CA LEU B 10 2.84 26.01 13.21
C LEU B 10 2.97 27.53 13.18
N GLY B 11 2.38 28.18 14.17
CA GLY B 11 2.43 29.63 14.24
C GLY B 11 3.85 30.15 14.24
N GLU B 12 4.66 29.58 15.11
CA GLU B 12 6.05 29.95 15.25
C GLU B 12 6.87 29.81 13.97
N ARG B 13 6.44 28.95 13.06
CA ARG B 13 7.16 28.77 11.80
C ARG B 13 6.50 29.57 10.68
N GLY B 14 5.46 30.33 11.04
CA GLY B 14 4.77 31.17 10.08
C GLY B 14 3.65 30.56 9.24
N PHE B 15 3.32 29.30 9.49
CA PHE B 15 2.25 28.67 8.73
C PHE B 15 0.89 29.06 9.28
N ASP B 16 -0.13 28.94 8.46
CA ASP B 16 -1.47 29.31 8.88
C ASP B 16 -2.36 28.08 9.16
N GLY B 17 -1.93 26.93 8.68
CA GLY B 17 -2.69 25.71 8.89
C GLY B 17 -2.06 24.50 8.25
N ALA B 18 -2.73 23.36 8.40
CA ALA B 18 -2.27 22.11 7.83
C ALA B 18 -3.48 21.22 7.56
N LEU B 19 -3.34 20.35 6.57
CA LEU B 19 -4.38 19.41 6.15
C LEU B 19 -3.73 18.04 6.21
N ILE B 20 -4.27 17.19 7.08
CA ILE B 20 -3.67 15.89 7.32
C ILE B 20 -4.55 14.71 7.00
N SER B 21 -4.25 14.02 5.91
CA SER B 21 -5.02 12.84 5.53
C SER B 21 -4.55 11.67 6.40
N PRO B 22 -5.30 10.55 6.38
CA PRO B 22 -4.95 9.37 7.17
C PRO B 22 -3.56 8.78 6.96
N GLY B 23 -2.95 8.40 8.07
CA GLY B 23 -1.61 7.83 8.01
C GLY B 23 -0.97 7.88 9.39
N THR B 24 0.35 7.87 9.44
CA THR B 24 1.07 7.90 10.70
C THR B 24 1.07 9.27 11.39
N ASN B 25 1.08 10.35 10.62
CA ASN B 25 1.08 11.69 11.23
C ASN B 25 -0.29 11.97 11.85
N LEU B 26 -1.34 11.54 11.18
CA LEU B 26 -2.67 11.73 11.72
C LEU B 26 -2.74 10.97 13.02
N TYR B 27 -2.27 9.72 12.99
CA TYR B 27 -2.27 8.88 14.16
C TYR B 27 -1.51 9.51 15.31
N TYR B 28 -0.28 9.94 14.98
CA TYR B 28 0.62 10.57 15.94
C TYR B 28 -0.08 11.69 16.70
N LEU B 29 -0.73 12.58 15.97
CA LEU B 29 -1.42 13.73 16.55
C LEU B 29 -2.80 13.49 17.18
N THR B 30 -3.48 12.41 16.82
CA THR B 30 -4.82 12.20 17.37
C THR B 30 -5.14 10.81 17.89
N GLY B 31 -4.42 9.81 17.42
CA GLY B 31 -4.71 8.45 17.84
C GLY B 31 -5.75 7.86 16.91
N LEU B 32 -6.22 8.65 15.95
CA LEU B 32 -7.21 8.21 14.95
C LEU B 32 -6.61 7.22 13.95
N ARG B 33 -7.34 6.16 13.63
CA ARG B 33 -6.85 5.17 12.67
C ARG B 33 -8.02 4.61 11.85
N LEU B 34 -8.16 5.07 10.61
CA LEU B 34 -9.24 4.60 9.76
C LEU B 34 -8.76 3.43 8.91
N HIS B 35 -9.63 2.43 8.73
CA HIS B 35 -9.27 1.27 7.92
C HIS B 35 -9.64 1.47 6.45
N GLU B 36 -8.63 1.35 5.59
CA GLU B 36 -8.80 1.48 4.15
C GLU B 36 -9.73 2.59 3.72
N VAL B 37 -9.24 3.83 3.81
CA VAL B 37 -10.01 5.00 3.42
C VAL B 37 -10.18 5.03 1.91
N GLY B 38 -9.13 4.65 1.20
CA GLY B 38 -9.17 4.63 -0.25
C GLY B 38 -9.32 6.02 -0.84
N GLU B 39 -10.27 6.16 -1.77
CA GLU B 39 -10.52 7.43 -2.44
C GLU B 39 -11.42 8.39 -1.70
N ARG B 40 -12.03 7.96 -0.60
CA ARG B 40 -12.92 8.84 0.14
C ARG B 40 -12.18 9.86 0.98
N LEU B 41 -12.40 11.14 0.66
CA LEU B 41 -11.74 12.23 1.35
C LEU B 41 -11.93 12.19 2.88
N ALA B 42 -10.82 12.17 3.60
CA ALA B 42 -10.83 12.20 5.05
C ALA B 42 -9.65 13.11 5.35
N ILE B 43 -9.93 14.25 5.97
CA ILE B 43 -8.87 15.20 6.25
C ILE B 43 -9.01 15.90 7.58
N LEU B 44 -7.92 15.92 8.34
CA LEU B 44 -7.87 16.61 9.62
C LEU B 44 -7.36 18.01 9.28
N ALA B 45 -8.17 19.02 9.52
CA ALA B 45 -7.73 20.37 9.19
C ALA B 45 -7.41 21.12 10.47
N VAL B 46 -6.25 21.75 10.50
CA VAL B 46 -5.83 22.46 11.69
C VAL B 46 -5.46 23.91 11.44
N SER B 47 -5.92 24.80 12.32
CA SER B 47 -5.62 26.22 12.22
C SER B 47 -4.45 26.54 13.15
N ALA B 48 -3.66 27.54 12.79
CA ALA B 48 -2.55 27.94 13.63
C ALA B 48 -3.13 28.63 14.87
N GLU B 49 -4.40 29.01 14.79
CA GLU B 49 -5.05 29.68 15.89
C GLU B 49 -5.45 28.72 17.00
N GLY B 50 -5.43 27.43 16.70
CA GLY B 50 -5.76 26.44 17.71
C GLY B 50 -7.00 25.64 17.41
N ASP B 51 -7.74 26.01 16.37
CA ASP B 51 -8.96 25.28 16.05
C ASP B 51 -8.72 24.15 15.07
N TYR B 52 -9.52 23.10 15.16
CA TYR B 52 -9.35 21.98 14.25
C TYR B 52 -10.63 21.17 14.13
N ARG B 53 -10.80 20.53 12.97
CA ARG B 53 -11.96 19.69 12.71
C ARG B 53 -11.56 18.61 11.73
N PHE B 54 -12.14 17.43 11.89
CA PHE B 54 -11.82 16.29 11.04
C PHE B 54 -12.98 15.92 10.12
N LEU B 55 -12.77 16.05 8.81
CA LEU B 55 -13.81 15.71 7.84
C LEU B 55 -13.64 14.27 7.41
N ALA B 56 -14.66 13.44 7.61
CA ALA B 56 -14.57 12.05 7.22
C ALA B 56 -15.89 11.49 6.67
N PRO B 57 -15.82 10.31 6.03
CA PRO B 57 -16.99 9.66 5.46
C PRO B 57 -17.89 9.15 6.57
N SER B 58 -19.19 9.28 6.39
CA SER B 58 -20.17 8.84 7.39
C SER B 58 -19.87 7.43 7.86
N LEU B 59 -19.29 6.61 6.98
CA LEU B 59 -18.97 5.22 7.32
C LEU B 59 -18.11 5.10 8.58
N TYR B 60 -17.28 6.12 8.83
CA TYR B 60 -16.37 6.09 9.97
C TYR B 60 -16.84 6.81 11.24
N GLU B 61 -18.11 7.20 11.33
CA GLU B 61 -18.53 7.93 12.52
C GLU B 61 -18.46 7.15 13.83
N ASN B 62 -18.01 5.91 13.79
CA ASN B 62 -17.91 5.12 15.02
C ASN B 62 -16.47 5.02 15.48
N VAL B 63 -15.54 5.05 14.53
CA VAL B 63 -14.12 4.94 14.82
C VAL B 63 -13.50 6.29 15.23
N VAL B 64 -14.23 7.36 14.96
CA VAL B 64 -13.77 8.72 15.26
C VAL B 64 -14.01 9.11 16.72
N ASN B 65 -14.55 8.18 17.50
CA ASN B 65 -14.84 8.45 18.90
C ASN B 65 -15.57 9.79 19.02
N ASN B 66 -15.08 10.65 19.91
CA ASN B 66 -15.71 11.95 20.12
C ASN B 66 -14.83 13.07 19.60
N PHE B 67 -14.00 12.76 18.61
CA PHE B 67 -13.12 13.76 18.03
C PHE B 67 -13.94 14.77 17.23
N PRO B 68 -13.70 16.07 17.42
CA PRO B 68 -14.42 17.15 16.72
C PRO B 68 -14.50 16.88 15.21
N ALA B 69 -15.63 16.36 14.76
CA ALA B 69 -15.79 16.04 13.34
C ALA B 69 -16.99 16.64 12.60
N THR B 70 -17.06 16.28 11.33
CA THR B 70 -18.12 16.67 10.41
C THR B 70 -18.10 15.51 9.45
N PHE B 71 -19.25 14.97 9.10
CA PHE B 71 -19.25 13.85 8.18
C PHE B 71 -19.91 14.23 6.88
N TRP B 72 -19.65 13.43 5.85
CA TRP B 72 -20.26 13.68 4.56
C TRP B 72 -20.72 12.33 4.02
N HIS B 73 -21.94 12.29 3.52
CA HIS B 73 -22.51 11.05 2.99
C HIS B 73 -22.31 10.97 1.50
N ASP B 74 -22.13 9.74 1.01
CA ASP B 74 -21.92 9.52 -0.42
C ASP B 74 -23.01 10.26 -1.18
N GLY B 75 -22.59 11.21 -2.01
CA GLY B 75 -23.52 12.02 -2.78
C GLY B 75 -23.23 13.51 -2.59
N GLU B 76 -22.53 13.84 -1.51
CA GLU B 76 -22.16 15.22 -1.21
C GLU B 76 -20.78 15.53 -1.77
N ASN B 77 -20.46 16.81 -1.88
CA ASN B 77 -19.15 17.24 -2.40
C ASN B 77 -18.26 17.46 -1.17
N PRO B 78 -17.47 16.44 -0.81
CA PRO B 78 -16.56 16.48 0.34
C PRO B 78 -15.71 17.73 0.31
N TYR B 79 -15.28 18.10 -0.90
CA TYR B 79 -14.45 19.26 -1.14
C TYR B 79 -15.14 20.56 -0.84
N ALA B 80 -16.44 20.61 -1.10
CA ALA B 80 -17.19 21.83 -0.82
C ALA B 80 -17.33 21.90 0.71
N LYS B 81 -17.66 20.76 1.33
CA LYS B 81 -17.79 20.68 2.78
C LYS B 81 -16.47 21.09 3.45
N LEU B 82 -15.36 20.64 2.88
CA LEU B 82 -14.05 21.00 3.41
C LEU B 82 -13.89 22.50 3.34
N ARG B 83 -14.27 23.09 2.21
CA ARG B 83 -14.16 24.54 2.05
C ARG B 83 -14.93 25.27 3.15
N GLU B 84 -16.10 24.73 3.51
CA GLU B 84 -16.92 25.33 4.57
C GLU B 84 -16.08 25.37 5.84
N ILE B 85 -15.54 24.20 6.17
CA ILE B 85 -14.70 24.00 7.33
C ILE B 85 -13.49 24.96 7.30
N LEU B 86 -12.78 25.01 6.18
CA LEU B 86 -11.61 25.89 6.08
C LEU B 86 -11.99 27.35 6.34
N GLU B 87 -13.24 27.67 6.01
CA GLU B 87 -13.78 29.03 6.19
C GLU B 87 -13.99 29.32 7.68
N GLU B 88 -14.57 28.36 8.38
CA GLU B 88 -14.81 28.50 9.80
C GLU B 88 -13.48 28.70 10.52
N LEU B 89 -12.53 27.80 10.27
CA LEU B 89 -11.21 27.87 10.91
C LEU B 89 -10.38 29.04 10.42
N GLY B 90 -10.87 29.71 9.38
CA GLY B 90 -10.18 30.88 8.84
C GLY B 90 -8.93 30.62 8.02
N ILE B 91 -8.86 29.45 7.37
CA ILE B 91 -7.70 29.11 6.56
C ILE B 91 -8.02 28.79 5.10
N SER B 92 -8.91 29.56 4.50
CA SER B 92 -9.27 29.38 3.09
C SER B 92 -8.26 30.17 2.26
N LYS B 93 -7.04 30.30 2.78
CA LYS B 93 -6.00 31.10 2.12
C LYS B 93 -4.77 31.10 3.03
N GLY B 94 -3.58 30.97 2.46
CA GLY B 94 -2.39 30.97 3.27
C GLY B 94 -1.34 29.91 3.01
N ARG B 95 -0.32 29.92 3.85
CA ARG B 95 0.77 28.97 3.77
C ARG B 95 0.28 27.73 4.54
N ILE B 96 -0.13 26.70 3.82
CA ILE B 96 -0.66 25.48 4.42
C ILE B 96 0.27 24.26 4.29
N LEU B 97 0.32 23.45 5.33
CA LEU B 97 1.14 22.24 5.35
C LEU B 97 0.28 21.06 4.89
N ILE B 98 0.87 20.20 4.09
CA ILE B 98 0.16 19.05 3.54
C ILE B 98 0.84 17.71 3.84
N GLU B 99 0.06 16.77 4.35
CA GLU B 99 0.55 15.44 4.64
C GLU B 99 1.27 14.89 3.41
N ASP B 100 2.55 14.55 3.59
CA ASP B 100 3.41 14.01 2.54
C ASP B 100 2.83 12.87 1.70
N THR B 101 2.09 11.98 2.35
CA THR B 101 1.50 10.81 1.68
C THR B 101 0.11 10.96 1.08
N MET B 102 -0.49 12.13 1.20
CA MET B 102 -1.84 12.35 0.66
C MET B 102 -1.87 12.14 -0.86
N ARG B 103 -2.93 11.52 -1.35
CA ARG B 103 -3.08 11.30 -2.77
C ARG B 103 -3.04 12.63 -3.52
N ALA B 104 -2.43 12.61 -4.70
CA ALA B 104 -2.31 13.81 -5.51
C ALA B 104 -3.66 14.32 -5.98
N ASP B 105 -4.60 13.42 -6.23
CA ASP B 105 -5.92 13.86 -6.68
C ASP B 105 -6.67 14.61 -5.59
N TRP B 106 -6.36 14.34 -4.32
CA TRP B 106 -7.00 15.07 -3.22
C TRP B 106 -6.40 16.48 -3.20
N LEU B 107 -5.09 16.57 -3.30
CA LEU B 107 -4.45 17.87 -3.29
C LEU B 107 -4.93 18.71 -4.47
N ILE B 108 -5.13 18.08 -5.62
CA ILE B 108 -5.59 18.81 -6.78
C ILE B 108 -6.97 19.41 -6.50
N GLY B 109 -7.85 18.60 -5.93
CA GLY B 109 -9.18 19.08 -5.60
C GLY B 109 -9.10 20.18 -4.55
N ILE B 110 -8.21 20.01 -3.58
CA ILE B 110 -8.06 21.00 -2.53
C ILE B 110 -7.53 22.33 -3.06
N MET B 111 -6.72 22.26 -4.11
CA MET B 111 -6.12 23.45 -4.73
C MET B 111 -7.17 24.41 -5.28
N LYS B 112 -8.41 23.93 -5.45
CA LYS B 112 -9.49 24.74 -5.98
C LYS B 112 -10.29 25.44 -4.88
N LEU B 113 -9.96 25.14 -3.64
CA LEU B 113 -10.67 25.69 -2.49
C LEU B 113 -10.08 26.96 -1.88
N GLY B 114 -9.15 27.60 -2.57
CA GLY B 114 -8.59 28.81 -2.03
C GLY B 114 -7.22 29.08 -2.56
N LYS B 115 -6.68 30.25 -2.23
CA LYS B 115 -5.34 30.66 -2.64
C LYS B 115 -4.45 30.04 -1.58
N PHE B 116 -3.58 29.11 -1.95
CA PHE B 116 -2.71 28.47 -0.97
C PHE B 116 -1.26 28.34 -1.40
N THR B 117 -0.37 28.22 -0.43
CA THR B 117 1.06 27.99 -0.71
C THR B 117 1.35 26.77 0.14
N PHE B 118 1.72 25.68 -0.53
CA PHE B 118 1.95 24.42 0.15
C PHE B 118 3.36 24.04 0.56
N GLN B 119 3.43 23.18 1.57
CA GLN B 119 4.68 22.66 2.07
C GLN B 119 4.36 21.28 2.65
N PRO B 120 5.30 20.33 2.53
CA PRO B 120 5.09 18.98 3.05
C PRO B 120 5.04 19.07 4.56
N LEU B 121 4.14 18.28 5.14
CA LEU B 121 3.96 18.23 6.58
C LEU B 121 5.23 17.84 7.35
N SER B 122 5.93 16.84 6.85
CA SER B 122 7.17 16.33 7.47
C SER B 122 8.27 17.38 7.71
N SER B 123 8.30 18.43 6.90
CA SER B 123 9.33 19.45 7.08
C SER B 123 9.29 20.03 8.50
N LEU B 124 8.11 19.94 9.12
CA LEU B 124 7.92 20.48 10.45
C LEU B 124 7.57 19.44 11.53
N ILE B 125 6.77 18.45 11.18
CA ILE B 125 6.38 17.43 12.14
C ILE B 125 7.55 16.52 12.54
N LYS B 126 8.58 16.45 11.70
CA LYS B 126 9.73 15.62 12.04
C LYS B 126 10.31 16.10 13.36
N GLU B 127 10.33 17.41 13.56
CA GLU B 127 10.86 18.00 14.78
C GLU B 127 10.23 17.37 16.01
N LEU B 128 8.98 16.93 15.87
CA LEU B 128 8.33 16.32 16.99
C LEU B 128 8.57 14.81 16.99
N ARG B 129 8.22 14.14 15.90
CA ARG B 129 8.37 12.69 15.84
C ARG B 129 9.79 12.15 15.99
N MET B 130 10.77 13.01 15.82
CA MET B 130 12.15 12.60 15.93
C MET B 130 12.60 12.29 17.37
N ILE B 131 12.01 12.98 18.34
CA ILE B 131 12.36 12.78 19.74
C ILE B 131 11.30 11.90 20.40
N LYS B 132 11.58 10.61 20.56
CA LYS B 132 10.62 9.69 21.17
C LYS B 132 10.39 9.88 22.67
N ASP B 133 9.14 9.91 23.11
CA ASP B 133 8.86 10.03 24.55
C ASP B 133 8.98 8.62 25.15
N LYS B 134 8.86 8.53 26.47
CA LYS B 134 8.99 7.25 27.19
C LYS B 134 8.11 6.10 26.74
N GLU B 135 6.86 6.38 26.38
CA GLU B 135 5.94 5.35 25.94
C GLU B 135 6.30 4.84 24.56
N GLU B 136 6.68 5.76 23.69
CA GLU B 136 7.04 5.38 22.33
C GLU B 136 8.23 4.42 22.39
N VAL B 137 9.18 4.74 23.26
CA VAL B 137 10.37 3.93 23.43
C VAL B 137 10.00 2.53 23.94
N LYS B 138 9.11 2.46 24.93
CA LYS B 138 8.67 1.17 25.43
C LYS B 138 8.07 0.37 24.29
N MET B 139 7.28 1.02 23.45
CA MET B 139 6.66 0.35 22.31
C MET B 139 7.70 -0.16 21.32
N MET B 140 8.71 0.65 21.02
CA MET B 140 9.73 0.23 20.08
C MET B 140 10.57 -0.90 20.69
N GLU B 141 10.60 -0.94 22.01
CA GLU B 141 11.35 -1.95 22.72
C GLU B 141 10.66 -3.29 22.51
N HIS B 142 9.34 -3.29 22.65
CA HIS B 142 8.63 -4.54 22.50
C HIS B 142 8.74 -5.03 21.06
N ALA B 143 8.62 -4.11 20.09
CA ALA B 143 8.71 -4.50 18.70
C ALA B 143 10.08 -5.09 18.40
N SER B 144 11.11 -4.59 19.08
CA SER B 144 12.47 -5.09 18.88
C SER B 144 12.62 -6.46 19.53
N ARG B 145 11.94 -6.63 20.67
CA ARG B 145 11.96 -7.89 21.40
C ARG B 145 11.36 -8.98 20.48
N ILE B 146 10.29 -8.64 19.77
CA ILE B 146 9.65 -9.57 18.86
C ILE B 146 10.56 -9.87 17.65
N ALA B 147 11.25 -8.85 17.16
CA ALA B 147 12.15 -9.02 16.03
C ALA B 147 13.24 -10.01 16.43
N ASP B 148 13.59 -10.00 17.71
CA ASP B 148 14.63 -10.89 18.23
C ASP B 148 14.13 -12.34 18.30
N LYS B 149 12.91 -12.50 18.83
CA LYS B 149 12.25 -13.80 18.95
C LYS B 149 12.18 -14.48 17.58
N VAL B 150 11.69 -13.74 16.59
CA VAL B 150 11.55 -14.25 15.23
C VAL B 150 12.85 -14.78 14.67
N PHE B 151 13.95 -14.10 14.99
CA PHE B 151 15.25 -14.55 14.53
C PHE B 151 15.56 -15.92 15.18
N GLU B 152 15.30 -16.03 16.48
CA GLU B 152 15.56 -17.28 17.22
C GLU B 152 14.77 -18.45 16.64
N GLU B 153 13.52 -18.21 16.25
CA GLU B 153 12.66 -19.24 15.68
C GLU B 153 13.18 -19.67 14.31
N ILE B 154 13.48 -18.69 13.47
CA ILE B 154 13.99 -18.95 12.12
C ILE B 154 15.20 -19.88 12.17
N LEU B 155 16.00 -19.73 13.21
CA LEU B 155 17.18 -20.56 13.35
C LEU B 155 16.87 -22.02 13.70
N THR B 156 15.63 -22.31 14.11
CA THR B 156 15.31 -23.70 14.44
C THR B 156 14.66 -24.37 13.22
N TRP B 157 14.47 -23.61 12.15
CA TRP B 157 13.85 -24.13 10.95
C TRP B 157 14.84 -24.81 10.02
N ASP B 158 14.31 -25.57 9.07
CA ASP B 158 15.12 -26.26 8.07
C ASP B 158 15.01 -25.43 6.79
N LEU B 159 16.05 -24.68 6.48
CA LEU B 159 16.03 -23.80 5.31
C LEU B 159 16.40 -24.46 3.98
N ILE B 160 17.30 -25.44 4.00
CA ILE B 160 17.69 -26.10 2.77
C ILE B 160 16.49 -26.52 1.90
N GLY B 161 16.55 -26.16 0.63
CA GLY B 161 15.49 -26.51 -0.30
C GLY B 161 14.34 -25.54 -0.34
N MET B 162 14.33 -24.60 0.61
CA MET B 162 13.26 -23.61 0.64
C MET B 162 13.60 -22.50 -0.34
N LYS B 163 12.59 -21.94 -0.97
CA LYS B 163 12.84 -20.84 -1.88
C LYS B 163 12.73 -19.55 -1.10
N GLU B 164 13.46 -18.53 -1.53
CA GLU B 164 13.47 -17.24 -0.85
C GLU B 164 12.05 -16.76 -0.55
N ARG B 165 11.20 -16.78 -1.57
CA ARG B 165 9.82 -16.36 -1.45
C ARG B 165 9.11 -17.11 -0.31
N GLU B 166 9.35 -18.42 -0.25
CA GLU B 166 8.74 -19.27 0.76
C GLU B 166 9.26 -18.93 2.15
N LEU B 167 10.57 -18.71 2.27
CA LEU B 167 11.11 -18.38 3.58
C LEU B 167 10.52 -17.06 4.05
N ALA B 168 10.48 -16.08 3.15
CA ALA B 168 9.92 -14.78 3.48
C ALA B 168 8.46 -14.86 3.90
N LEU B 169 7.71 -15.81 3.35
CA LEU B 169 6.32 -15.92 3.73
C LEU B 169 6.22 -16.53 5.12
N LYS B 170 7.08 -17.51 5.43
CA LYS B 170 7.06 -18.10 6.75
C LYS B 170 7.36 -17.00 7.77
N ILE B 171 8.37 -16.18 7.46
CA ILE B 171 8.72 -15.09 8.35
C ILE B 171 7.55 -14.13 8.57
N GLU B 172 6.94 -13.71 7.47
CA GLU B 172 5.81 -12.80 7.52
C GLU B 172 4.69 -13.37 8.40
N LEU B 173 4.34 -14.64 8.20
CA LEU B 173 3.29 -15.29 8.98
C LEU B 173 3.65 -15.33 10.44
N LEU B 174 4.92 -15.62 10.71
CA LEU B 174 5.37 -15.66 12.09
C LEU B 174 5.21 -14.27 12.68
N ILE B 175 5.61 -13.23 11.95
CA ILE B 175 5.51 -11.86 12.46
C ILE B 175 4.07 -11.44 12.68
N ARG B 176 3.16 -11.96 11.86
CA ARG B 176 1.74 -11.61 12.00
C ARG B 176 1.13 -12.41 13.13
N GLU B 177 1.87 -13.42 13.58
CA GLU B 177 1.42 -14.25 14.70
C GLU B 177 1.87 -13.56 16.00
N LEU B 178 3.10 -13.06 16.00
CA LEU B 178 3.66 -12.41 17.19
C LEU B 178 3.32 -10.92 17.40
N SER B 179 2.79 -10.24 16.39
CA SER B 179 2.55 -8.81 16.54
C SER B 179 1.38 -8.29 15.76
N ASP B 180 1.29 -6.97 15.72
CA ASP B 180 0.21 -6.29 15.01
C ASP B 180 0.43 -6.53 13.53
N GLY B 181 1.67 -6.68 13.12
CA GLY B 181 1.94 -6.92 11.71
C GLY B 181 3.36 -6.62 11.27
N ILE B 182 3.68 -7.04 10.06
CA ILE B 182 4.97 -6.82 9.46
C ILE B 182 5.12 -5.33 9.19
N ALA B 183 6.27 -4.76 9.55
CA ALA B 183 6.49 -3.33 9.30
C ALA B 183 6.72 -3.10 7.80
N PHE B 184 6.98 -4.17 7.07
CA PHE B 184 7.20 -4.12 5.63
C PHE B 184 7.41 -5.55 5.15
N GLU B 185 7.27 -5.80 3.85
CA GLU B 185 7.46 -7.13 3.29
C GLU B 185 8.85 -7.67 3.62
N PRO B 186 8.92 -8.85 4.26
CA PRO B 186 10.22 -9.45 4.63
C PRO B 186 11.13 -9.63 3.42
N ILE B 187 12.44 -9.58 3.66
CA ILE B 187 13.38 -9.78 2.57
C ILE B 187 14.33 -10.93 2.85
N VAL B 188 14.37 -11.88 1.93
CA VAL B 188 15.27 -13.00 2.05
C VAL B 188 16.12 -12.94 0.77
N ALA B 189 17.43 -12.84 0.93
CA ALA B 189 18.34 -12.79 -0.22
C ALA B 189 19.47 -13.79 0.00
N SER B 190 19.54 -14.78 -0.86
CA SER B 190 20.55 -15.82 -0.70
C SER B 190 21.54 -15.88 -1.84
N GLY B 191 22.69 -16.51 -1.56
CA GLY B 191 23.74 -16.66 -2.55
C GLY B 191 24.02 -15.32 -3.20
N GLU B 192 24.28 -15.37 -4.51
CA GLU B 192 24.56 -14.16 -5.27
C GLU B 192 23.53 -13.05 -5.09
N ASN B 193 22.26 -13.41 -4.87
CA ASN B 193 21.19 -12.43 -4.67
C ASN B 193 21.43 -11.48 -3.49
N ALA B 194 22.18 -11.93 -2.49
CA ALA B 194 22.44 -11.09 -1.35
C ALA B 194 23.33 -9.89 -1.75
N ALA B 195 23.72 -9.85 -3.03
CA ALA B 195 24.55 -8.76 -3.54
C ALA B 195 23.74 -7.49 -3.81
N ASN B 196 22.43 -7.64 -3.98
CA ASN B 196 21.57 -6.49 -4.24
C ASN B 196 20.83 -6.14 -2.96
N PRO B 197 21.20 -5.03 -2.32
CA PRO B 197 20.55 -4.60 -1.07
C PRO B 197 19.03 -4.50 -1.15
N HIS B 198 18.50 -4.12 -2.32
CA HIS B 198 17.06 -3.99 -2.47
C HIS B 198 16.40 -5.18 -3.18
N HIS B 199 17.05 -6.33 -3.11
CA HIS B 199 16.54 -7.54 -3.74
C HIS B 199 15.15 -7.91 -3.27
N GLU B 200 14.34 -8.40 -4.21
CA GLU B 200 12.98 -8.82 -3.91
C GLU B 200 13.00 -10.35 -3.87
N PRO B 201 12.53 -10.96 -2.77
CA PRO B 201 12.53 -12.43 -2.66
C PRO B 201 11.86 -13.09 -3.84
N GLY B 202 12.53 -14.11 -4.37
CA GLY B 202 12.01 -14.83 -5.53
C GLY B 202 12.06 -16.34 -5.42
N GLU B 203 12.25 -16.98 -6.58
CA GLU B 203 12.26 -18.44 -6.68
C GLU B 203 13.57 -19.14 -6.42
N ARG B 204 14.64 -18.39 -6.19
CA ARG B 204 15.93 -19.03 -5.94
C ARG B 204 15.84 -19.99 -4.76
N LYS B 205 16.35 -21.20 -4.95
CA LYS B 205 16.32 -22.20 -3.90
C LYS B 205 17.54 -22.07 -3.00
N ILE B 206 17.30 -22.03 -1.69
CA ILE B 206 18.40 -21.92 -0.76
C ILE B 206 19.12 -23.28 -0.70
N ARG B 207 20.44 -23.25 -0.79
CA ARG B 207 21.22 -24.47 -0.76
C ARG B 207 22.32 -24.44 0.29
N LYS B 208 22.98 -25.57 0.46
CA LYS B 208 24.08 -25.70 1.41
C LYS B 208 25.26 -24.85 0.94
N GLY B 209 25.76 -23.99 1.82
CA GLY B 209 26.87 -23.12 1.44
C GLY B 209 26.41 -21.71 1.08
N ASP B 210 25.10 -21.49 1.07
CA ASP B 210 24.55 -20.19 0.72
C ASP B 210 24.55 -19.22 1.88
N ILE B 211 24.89 -17.98 1.57
CA ILE B 211 24.90 -16.94 2.58
C ILE B 211 23.47 -16.41 2.50
N ILE B 212 22.93 -15.91 3.60
CA ILE B 212 21.56 -15.41 3.52
C ILE B 212 21.35 -14.17 4.33
N ILE B 213 20.83 -13.14 3.67
CA ILE B 213 20.53 -11.90 4.33
C ILE B 213 19.06 -11.95 4.67
N LEU B 214 18.72 -11.67 5.92
CA LEU B 214 17.35 -11.66 6.38
C LEU B 214 17.03 -10.28 6.94
N ASP B 215 16.06 -9.58 6.34
CA ASP B 215 15.67 -8.26 6.83
C ASP B 215 14.16 -8.26 7.02
N TYR B 216 13.70 -7.94 8.21
CA TYR B 216 12.27 -7.92 8.47
C TYR B 216 11.96 -6.98 9.61
N GLY B 217 10.67 -6.72 9.82
CA GLY B 217 10.27 -5.82 10.89
C GLY B 217 8.89 -6.12 11.42
N ALA B 218 8.67 -5.87 12.69
CA ALA B 218 7.36 -6.11 13.29
C ALA B 218 6.76 -4.79 13.77
N ARG B 219 5.44 -4.72 13.84
CA ARG B 219 4.82 -3.51 14.35
C ARG B 219 4.22 -3.84 15.69
N TRP B 220 4.33 -2.92 16.63
CA TRP B 220 3.74 -3.11 17.94
C TRP B 220 3.07 -1.82 18.36
N LYS B 221 1.75 -1.83 18.38
CA LYS B 221 0.98 -0.65 18.75
C LYS B 221 1.37 0.53 17.87
N GLY B 222 1.68 0.24 16.61
CA GLY B 222 2.04 1.29 15.69
C GLY B 222 3.53 1.47 15.49
N TYR B 223 4.35 1.12 16.47
CA TYR B 223 5.79 1.28 16.28
C TYR B 223 6.47 0.12 15.58
N CYS B 224 7.50 0.46 14.81
CA CYS B 224 8.24 -0.50 14.01
C CYS B 224 9.63 -0.87 14.50
N SER B 225 10.03 -2.08 14.15
CA SER B 225 11.37 -2.60 14.42
C SER B 225 11.83 -2.94 12.99
N ASP B 226 13.13 -2.99 12.77
CA ASP B 226 13.72 -3.29 11.48
C ASP B 226 15.05 -3.93 11.85
N ILE B 227 15.18 -5.22 11.57
CA ILE B 227 16.41 -5.89 11.92
C ILE B 227 16.93 -6.65 10.72
N THR B 228 18.25 -6.76 10.61
CA THR B 228 18.82 -7.53 9.52
C THR B 228 19.93 -8.38 10.12
N ARG B 229 19.96 -9.65 9.72
CA ARG B 229 20.99 -10.58 10.16
C ARG B 229 21.38 -11.36 8.93
N THR B 230 22.64 -11.72 8.85
CA THR B 230 23.15 -12.49 7.74
C THR B 230 23.62 -13.83 8.29
N ILE B 231 23.08 -14.93 7.76
CA ILE B 231 23.50 -16.24 8.25
C ILE B 231 24.06 -17.08 7.13
N GLY B 232 24.78 -18.13 7.50
CA GLY B 232 25.36 -19.03 6.51
C GLY B 232 24.80 -20.42 6.66
N LEU B 233 24.74 -21.16 5.55
CA LEU B 233 24.26 -22.54 5.56
C LEU B 233 25.46 -23.45 5.31
N GLY B 234 25.80 -24.27 6.29
CA GLY B 234 26.96 -25.12 6.13
C GLY B 234 28.17 -24.19 6.08
N GLU B 235 29.19 -24.53 5.29
CA GLU B 235 30.37 -23.68 5.19
C GLU B 235 30.30 -22.64 4.06
N LEU B 236 30.42 -21.38 4.44
CA LEU B 236 30.38 -20.27 3.50
C LEU B 236 31.71 -20.02 2.79
N ASP B 237 31.62 -19.42 1.61
CA ASP B 237 32.82 -19.10 0.83
C ASP B 237 33.71 -18.31 1.76
N GLU B 238 35.00 -18.63 1.76
CA GLU B 238 35.93 -17.93 2.64
C GLU B 238 35.95 -16.43 2.43
N ARG B 239 35.70 -15.98 1.20
CA ARG B 239 35.69 -14.54 0.89
C ARG B 239 34.56 -13.79 1.60
N LEU B 240 33.45 -14.48 1.85
CA LEU B 240 32.30 -13.88 2.51
C LEU B 240 32.49 -13.90 4.03
N VAL B 241 33.15 -14.93 4.53
CA VAL B 241 33.43 -15.07 5.96
C VAL B 241 34.26 -13.89 6.43
N LYS B 242 35.25 -13.54 5.61
CA LYS B 242 36.12 -12.41 5.93
C LYS B 242 35.24 -11.18 5.97
N ILE B 243 34.59 -10.91 4.84
CA ILE B 243 33.71 -9.77 4.72
C ILE B 243 32.80 -9.58 5.94
N TYR B 244 32.28 -10.68 6.46
CA TYR B 244 31.38 -10.62 7.59
C TYR B 244 31.96 -10.00 8.83
N GLU B 245 33.17 -10.40 9.20
CA GLU B 245 33.81 -9.86 10.40
C GLU B 245 34.04 -8.35 10.24
N VAL B 246 34.31 -7.90 9.02
CA VAL B 246 34.51 -6.47 8.79
C VAL B 246 33.19 -5.72 9.05
N VAL B 247 32.12 -6.14 8.39
CA VAL B 247 30.83 -5.51 8.56
C VAL B 247 30.49 -5.49 10.05
N LYS B 248 30.80 -6.59 10.73
CA LYS B 248 30.50 -6.66 12.15
C LYS B 248 31.28 -5.56 12.85
N ASP B 249 32.54 -5.40 12.42
CA ASP B 249 33.41 -4.36 12.99
C ASP B 249 32.90 -2.97 12.69
N ALA B 250 32.39 -2.75 11.47
CA ALA B 250 31.88 -1.46 11.07
C ALA B 250 30.67 -1.06 11.91
N GLN B 251 29.74 -1.99 12.10
CA GLN B 251 28.55 -1.72 12.88
C GLN B 251 28.82 -1.43 14.35
N GLU B 252 29.63 -2.26 14.99
CA GLU B 252 29.94 -2.05 16.40
C GLU B 252 30.64 -0.70 16.52
N SER B 253 31.43 -0.37 15.52
CA SER B 253 32.14 0.89 15.57
C SER B 253 31.20 2.07 15.50
N ALA B 254 30.29 2.04 14.54
CA ALA B 254 29.33 3.14 14.40
C ALA B 254 28.49 3.27 15.67
N PHE B 255 28.14 2.14 16.26
CA PHE B 255 27.34 2.13 17.47
C PHE B 255 28.05 2.82 18.64
N LYS B 256 29.28 2.42 18.92
CA LYS B 256 30.05 3.02 20.02
C LYS B 256 30.18 4.54 19.87
N ALA B 257 30.12 5.02 18.63
CA ALA B 257 30.21 6.46 18.35
C ALA B 257 28.93 7.22 18.74
N VAL B 258 27.79 6.53 18.80
CA VAL B 258 26.52 7.18 19.14
C VAL B 258 26.56 7.94 20.46
N ARG B 259 26.55 9.26 20.35
CA ARG B 259 26.61 10.13 21.53
C ARG B 259 25.75 11.36 21.28
N GLU B 260 25.13 11.89 22.33
CA GLU B 260 24.32 13.07 22.15
C GLU B 260 25.31 14.16 21.76
N GLY B 261 24.93 15.02 20.84
CA GLY B 261 25.84 16.08 20.45
C GLY B 261 26.61 15.85 19.16
N ILE B 262 26.80 14.59 18.76
CA ILE B 262 27.51 14.33 17.51
C ILE B 262 26.58 14.29 16.30
N LYS B 263 27.08 14.76 15.16
CA LYS B 263 26.31 14.79 13.93
C LYS B 263 26.05 13.40 13.40
N ALA B 264 24.94 13.23 12.70
CA ALA B 264 24.57 11.95 12.14
C ALA B 264 25.64 11.48 11.15
N LYS B 265 26.09 12.38 10.28
CA LYS B 265 27.08 12.00 9.30
C LYS B 265 28.35 11.45 9.94
N ASP B 266 28.59 11.81 11.19
CA ASP B 266 29.78 11.30 11.84
C ASP B 266 29.63 9.86 12.31
N VAL B 267 28.39 9.42 12.53
CA VAL B 267 28.14 8.03 12.92
C VAL B 267 28.32 7.19 11.65
N ASP B 268 27.93 7.77 10.52
CA ASP B 268 28.05 7.09 9.24
C ASP B 268 29.52 6.92 8.87
N SER B 269 30.29 8.00 8.91
CA SER B 269 31.71 7.93 8.57
C SER B 269 32.47 6.95 9.47
N ARG B 270 31.99 6.74 10.69
CA ARG B 270 32.64 5.83 11.61
C ARG B 270 32.58 4.38 11.13
N ALA B 271 31.46 4.01 10.52
CA ALA B 271 31.32 2.65 9.99
C ALA B 271 32.05 2.62 8.65
N ARG B 272 31.87 3.70 7.88
CA ARG B 272 32.46 3.84 6.57
C ARG B 272 33.98 3.72 6.57
N GLU B 273 34.63 4.20 7.62
CA GLU B 273 36.07 4.11 7.69
C GLU B 273 36.49 2.67 7.90
N VAL B 274 35.86 1.99 8.85
CA VAL B 274 36.20 0.60 9.12
C VAL B 274 36.15 -0.24 7.85
N ILE B 275 35.16 0.03 7.00
CA ILE B 275 35.00 -0.72 5.76
C ILE B 275 35.97 -0.28 4.66
N SER B 276 36.41 0.97 4.70
CA SER B 276 37.36 1.42 3.69
C SER B 276 38.74 0.84 3.99
N LYS B 277 39.13 0.91 5.27
CA LYS B 277 40.42 0.40 5.71
C LYS B 277 40.62 -1.07 5.38
N ALA B 278 39.52 -1.81 5.29
CA ALA B 278 39.59 -3.22 4.98
C ALA B 278 39.61 -3.39 3.47
N GLY B 279 39.34 -2.31 2.75
CA GLY B 279 39.36 -2.35 1.29
C GLY B 279 38.05 -2.50 0.53
N TYR B 280 36.93 -2.62 1.24
CA TYR B 280 35.63 -2.80 0.60
C TYR B 280 34.77 -1.55 0.46
N GLY B 281 35.40 -0.38 0.47
CA GLY B 281 34.67 0.86 0.36
C GLY B 281 33.67 0.96 -0.78
N GLU B 282 34.05 0.46 -1.96
CA GLU B 282 33.18 0.54 -3.12
C GLU B 282 31.93 -0.36 -3.04
N TYR B 283 31.91 -1.27 -2.08
CA TYR B 283 30.79 -2.19 -1.93
C TYR B 283 29.74 -1.83 -0.89
N PHE B 284 29.95 -0.71 -0.19
CA PHE B 284 29.03 -0.21 0.85
C PHE B 284 28.24 0.90 0.16
N ILE B 285 27.29 0.48 -0.65
CA ILE B 285 26.46 1.35 -1.48
C ILE B 285 25.25 2.11 -0.90
N HIS B 286 25.12 2.21 0.42
CA HIS B 286 23.99 2.93 1.01
C HIS B 286 24.35 3.61 2.34
N ARG B 287 23.39 4.34 2.92
CA ARG B 287 23.66 5.00 4.18
C ARG B 287 23.83 3.96 5.27
N THR B 288 24.35 4.38 6.42
CA THR B 288 24.55 3.45 7.52
C THR B 288 23.24 3.14 8.27
N GLY B 289 22.30 4.08 8.25
CA GLY B 289 21.05 3.86 8.93
C GLY B 289 20.04 4.95 8.66
N HIS B 290 18.87 4.82 9.25
CA HIS B 290 17.78 5.78 9.08
C HIS B 290 16.97 5.73 10.36
N GLY B 291 16.16 6.75 10.61
CA GLY B 291 15.36 6.74 11.82
C GLY B 291 14.17 5.81 11.66
N LEU B 292 13.55 5.46 12.78
CA LEU B 292 12.36 4.64 12.77
C LEU B 292 11.48 5.03 13.95
N GLY B 293 10.21 4.71 13.82
CA GLY B 293 9.23 5.04 14.86
C GLY B 293 7.96 4.45 14.31
N LEU B 294 7.05 5.33 13.88
CA LEU B 294 5.76 4.91 13.32
C LEU B 294 5.94 4.47 11.87
N ASP B 295 7.03 4.91 11.24
CA ASP B 295 7.33 4.50 9.86
C ASP B 295 8.66 3.74 9.89
N VAL B 296 8.95 3.01 8.81
CA VAL B 296 10.19 2.26 8.75
C VAL B 296 11.29 3.26 8.46
N HIS B 297 11.01 4.23 7.61
CA HIS B 297 11.99 5.26 7.25
C HIS B 297 11.55 6.65 7.65
N GLU B 298 12.27 7.24 8.60
CA GLU B 298 11.98 8.60 9.04
C GLU B 298 13.27 9.24 9.55
N GLU B 299 13.18 10.52 9.88
CA GLU B 299 14.32 11.27 10.40
C GLU B 299 14.78 10.72 11.76
N PRO B 300 16.10 10.79 12.02
CA PRO B 300 17.16 11.34 11.17
C PRO B 300 17.81 10.27 10.32
N TYR B 301 18.44 10.71 9.24
CA TYR B 301 19.11 9.78 8.37
C TYR B 301 20.58 9.73 8.74
N ILE B 302 21.14 8.52 8.76
CA ILE B 302 22.54 8.33 9.13
C ILE B 302 23.39 8.02 7.91
N GLY B 303 23.70 9.05 7.16
CA GLY B 303 24.51 8.87 5.96
C GLY B 303 25.50 10.01 5.82
N PRO B 304 26.31 10.01 4.76
CA PRO B 304 27.31 11.06 4.53
C PRO B 304 26.71 12.45 4.50
N ASP B 305 25.40 12.52 4.31
CA ASP B 305 24.73 13.81 4.25
C ASP B 305 23.86 14.13 5.47
N GLY B 306 23.90 13.24 6.47
CA GLY B 306 23.12 13.45 7.68
C GLY B 306 23.63 14.65 8.45
N GLU B 307 22.81 15.70 8.57
CA GLU B 307 23.18 16.92 9.28
C GLU B 307 22.58 17.07 10.67
N VAL B 308 21.69 16.16 11.02
CA VAL B 308 21.05 16.20 12.33
C VAL B 308 22.01 15.90 13.48
N ILE B 309 21.91 16.72 14.53
CA ILE B 309 22.73 16.53 15.71
C ILE B 309 21.95 15.57 16.62
N LEU B 310 22.53 14.42 16.94
CA LEU B 310 21.84 13.45 17.77
C LEU B 310 21.48 13.99 19.12
N LYS B 311 20.34 13.56 19.64
CA LYS B 311 19.88 13.99 20.94
C LYS B 311 19.14 12.84 21.57
N ASN B 312 18.95 12.89 22.87
CA ASN B 312 18.25 11.81 23.55
C ASN B 312 16.86 11.67 22.97
N GLY B 313 16.41 10.43 22.88
CA GLY B 313 15.08 10.15 22.36
C GLY B 313 15.05 9.79 20.90
N MET B 314 16.13 10.07 20.19
CA MET B 314 16.14 9.75 18.78
C MET B 314 16.28 8.25 18.61
N THR B 315 15.64 7.71 17.58
CA THR B 315 15.72 6.28 17.30
C THR B 315 16.03 6.05 15.83
N PHE B 316 17.05 5.25 15.55
CA PHE B 316 17.44 4.99 14.18
C PHE B 316 18.15 3.65 14.04
N THR B 317 18.43 3.24 12.82
CA THR B 317 19.11 1.98 12.62
C THR B 317 20.59 2.19 12.29
N ILE B 318 21.38 1.16 12.56
CA ILE B 318 22.79 1.16 12.24
C ILE B 318 22.92 -0.17 11.53
N GLU B 319 23.08 -0.09 10.21
CA GLU B 319 23.13 -1.27 9.37
C GLU B 319 24.03 -1.16 8.14
N PRO B 320 25.36 -1.05 8.35
CA PRO B 320 26.25 -0.94 7.19
C PRO B 320 26.27 -2.31 6.51
N GLY B 321 26.65 -2.36 5.25
CA GLY B 321 26.71 -3.64 4.58
C GLY B 321 27.75 -3.64 3.49
N ILE B 322 28.13 -4.83 3.03
CA ILE B 322 29.09 -4.93 1.94
C ILE B 322 28.46 -5.82 0.89
N TYR B 323 28.40 -5.33 -0.33
CA TYR B 323 27.80 -6.08 -1.42
C TYR B 323 28.76 -6.30 -2.58
N VAL B 324 29.00 -7.56 -2.91
CA VAL B 324 29.90 -7.90 -4.01
C VAL B 324 29.15 -8.73 -5.03
N PRO B 325 28.94 -8.16 -6.21
CA PRO B 325 28.23 -8.84 -7.30
C PRO B 325 28.82 -10.19 -7.71
N GLY B 326 27.96 -11.18 -7.80
CA GLY B 326 28.41 -12.51 -8.19
C GLY B 326 28.96 -13.32 -7.04
N LEU B 327 28.97 -12.72 -5.84
CA LEU B 327 29.48 -13.40 -4.67
C LEU B 327 28.43 -13.39 -3.56
N GLY B 328 27.91 -12.21 -3.26
CA GLY B 328 26.92 -12.10 -2.21
C GLY B 328 27.16 -10.83 -1.44
N GLY B 329 26.59 -10.74 -0.24
CA GLY B 329 26.77 -9.54 0.56
C GLY B 329 26.44 -9.77 2.00
N VAL B 330 26.84 -8.82 2.84
CA VAL B 330 26.57 -8.91 4.28
C VAL B 330 26.09 -7.60 4.87
N ARG B 331 25.10 -7.70 5.76
CA ARG B 331 24.56 -6.55 6.46
C ARG B 331 24.14 -6.98 7.85
N ILE B 332 24.39 -6.13 8.84
CA ILE B 332 23.96 -6.42 10.20
C ILE B 332 23.28 -5.13 10.68
N GLU B 333 22.02 -5.24 11.05
CA GLU B 333 21.26 -4.07 11.45
C GLU B 333 20.67 -4.09 12.83
N ASP B 334 20.96 -3.05 13.60
CA ASP B 334 20.40 -2.90 14.93
C ASP B 334 19.55 -1.64 15.02
N ASP B 335 18.56 -1.68 15.90
CA ASP B 335 17.70 -0.53 16.12
C ASP B 335 18.26 0.14 17.36
N ILE B 336 18.54 1.44 17.28
CA ILE B 336 19.13 2.16 18.39
C ILE B 336 18.34 3.37 18.90
N VAL B 337 18.44 3.60 20.21
CA VAL B 337 17.80 4.75 20.83
C VAL B 337 18.91 5.53 21.55
N VAL B 338 18.84 6.85 21.52
CA VAL B 338 19.83 7.66 22.22
C VAL B 338 19.25 7.77 23.63
N ASP B 339 19.97 7.22 24.59
CA ASP B 339 19.53 7.17 25.99
C ASP B 339 20.62 7.61 26.95
N GLU B 340 20.32 8.62 27.77
CA GLU B 340 21.31 9.14 28.73
C GLU B 340 22.57 9.61 27.99
N GLY B 341 22.37 10.17 26.80
CA GLY B 341 23.49 10.65 26.01
C GLY B 341 24.30 9.55 25.35
N LYS B 342 23.86 8.30 25.49
CA LYS B 342 24.59 7.18 24.91
C LYS B 342 23.73 6.35 23.95
N GLY B 343 24.39 5.54 23.11
CA GLY B 343 23.66 4.69 22.20
C GLY B 343 23.28 3.41 22.93
N ARG B 344 22.03 3.00 22.79
CA ARG B 344 21.56 1.77 23.44
C ARG B 344 20.84 0.91 22.39
N ARG B 345 21.18 -0.37 22.34
CA ARG B 345 20.58 -1.31 21.39
C ARG B 345 19.20 -1.79 21.83
N LEU B 346 18.22 -1.65 20.96
CA LEU B 346 16.89 -2.09 21.28
C LEU B 346 16.76 -3.57 20.87
N THR B 347 17.45 -3.95 19.80
CA THR B 347 17.46 -5.33 19.33
C THR B 347 18.69 -6.02 19.94
N LYS B 348 18.53 -7.27 20.37
CA LYS B 348 19.65 -7.97 21.00
C LYS B 348 20.14 -9.23 20.30
N ALA B 349 19.44 -9.65 19.26
CA ALA B 349 19.83 -10.83 18.50
C ALA B 349 21.33 -10.99 18.28
N GLU B 350 21.74 -12.25 18.19
CA GLU B 350 23.11 -12.70 17.96
C GLU B 350 23.78 -11.96 16.80
N ARG B 351 24.97 -11.41 17.04
CA ARG B 351 25.69 -10.69 15.99
C ARG B 351 26.87 -11.47 15.43
N GLU B 352 27.24 -12.56 16.09
CA GLU B 352 28.35 -13.39 15.61
C GLU B 352 27.87 -14.17 14.39
N LEU B 353 28.79 -14.57 13.52
CA LEU B 353 28.40 -15.33 12.34
C LEU B 353 27.83 -16.69 12.75
N ILE B 354 26.61 -16.96 12.32
CA ILE B 354 25.96 -18.21 12.64
C ILE B 354 25.92 -19.16 11.45
N ILE B 355 26.59 -20.28 11.59
CA ILE B 355 26.62 -21.27 10.51
C ILE B 355 25.66 -22.40 10.84
N LEU B 356 24.48 -22.38 10.24
CA LEU B 356 23.50 -23.42 10.48
C LEU B 356 23.99 -24.74 9.88
#